data_1XF5
#
_entry.id   1XF5
#
_cell.length_a   129.337
_cell.length_b   222.928
_cell.length_c   43.624
_cell.angle_alpha   90.00
_cell.angle_beta   90.00
_cell.angle_gamma   90.00
#
_symmetry.space_group_name_H-M   'P 21 21 2'
#
loop_
_entity.id
_entity.type
_entity.pdbx_description
1 polymer 'Capsid protein C'
2 polymer 'Monoclonal antibody 19D9D6 Light chain'
3 polymer 'Monoclonal antibody 19D9D6 Heavy chain'
4 polymer 'Protein L'
5 water water
#
loop_
_entity_poly.entity_id
_entity_poly.type
_entity_poly.pdbx_seq_one_letter_code
_entity_poly.pdbx_strand_id
1 'polypeptide(L)' STNPKPQRKTKRNTNRRPQDVKFPGGGQIVGGVYLLPRRGPRLG P,Q
2 'polypeptide(L)'
;DIVMSQSPSSLAVSAGEKVTMSCKSSQSLLNSRTRKNYLAWYQQKPGQSPKVLIYWASTRESGVPDRFTGRGSGTDFTLT
ISSVQAEDQAVYYCKQAYIPPLTFGAGTKLELKRADAAPTVSIFPPSSEQLTSGGASVVCFLNNFYPKDINVKWKIDGSE
RQNGVLNSWTDQDSKDSTYSMSSTLTLTKDEYERHNSYTCEATHKTSTSPIVKSFNRNEC
;
A,C
3 'polypeptide(L)'
;QIQLVQSGPELKKPGETVKISCKASGYTFTDFSMHWVNQAPGKGLNWMGWVNTETGEPTYADDFKGRFAFSLETSASTAY
LQINSLKNEDTATYFCARFLLRQYFDVWGAGTTVTVSSAKTTPPSVYPLAPGSAAQTNSMVTLGCLVKGYFPEPVTVTWN
SGSLSSGVHTFPAVLQSDLYTLSSSVTVPSSTWPSETVTCNVAHPASSTKVDKKIVPR
;
B,D
4 'polypeptide(L)' MNIKFAGKEKTPEEPKEEVTIKVNLIFADGKIQTAEFKGTFEEATAEAYRYADLLAKVNGEWTADLEDGGNCMNIKFAGK L,M
#
# COMPACT_ATOMS: atom_id res chain seq x y z
N PRO A 24 27.04 28.12 19.71
CA PRO A 24 27.93 27.51 20.72
C PRO A 24 28.87 28.07 21.73
N GLY A 25 28.63 27.38 22.82
CA GLY A 25 29.32 27.40 24.06
C GLY A 25 29.27 25.88 24.22
N GLY A 26 30.26 25.19 23.65
CA GLY A 26 30.31 23.75 23.72
C GLY A 26 31.27 23.08 22.74
N GLY A 27 32.06 22.13 23.23
CA GLY A 27 33.01 21.42 22.38
C GLY A 27 32.42 20.15 21.79
N GLN A 28 31.97 19.24 22.65
CA GLN A 28 31.37 17.99 22.22
C GLN A 28 29.88 18.22 21.98
N ILE A 29 29.48 18.20 20.72
CA ILE A 29 28.09 18.42 20.34
C ILE A 29 27.47 17.16 19.70
N VAL A 30 26.16 17.00 19.88
CA VAL A 30 25.45 15.84 19.33
C VAL A 30 24.21 16.30 18.61
N GLY A 31 24.22 16.21 17.30
CA GLY A 31 23.08 16.64 16.50
C GLY A 31 23.49 17.75 15.55
N GLY A 32 23.57 17.44 14.26
CA GLY A 32 23.97 18.43 13.28
C GLY A 32 23.11 19.68 13.26
N VAL A 33 21.88 19.58 13.77
CA VAL A 33 20.97 20.72 13.78
C VAL A 33 21.57 21.91 14.51
N TYR A 34 22.50 21.63 15.42
CA TYR A 34 23.15 22.67 16.22
C TYR A 34 24.41 23.25 15.59
N LEU A 35 25.20 22.40 14.93
CA LEU A 35 26.44 22.83 14.28
C LEU A 35 26.22 24.03 13.35
N LEU A 36 27.17 24.97 13.34
CA LEU A 36 27.04 26.13 12.47
C LEU A 36 28.28 26.17 11.62
N PRO A 37 28.21 26.84 10.46
CA PRO A 37 29.49 26.80 9.74
C PRO A 37 30.59 27.08 10.75
N ARG A 38 31.78 26.65 10.38
CA ARG A 38 32.99 26.73 11.17
C ARG A 38 33.37 28.19 11.49
N ARG A 39 33.51 28.89 10.36
CA ARG A 39 33.84 30.29 10.04
C ARG A 39 35.10 31.01 10.55
N GLN B 28 -34.54 12.16 20.20
CA GLN B 28 -34.29 12.27 18.73
C GLN B 28 -32.79 12.20 18.70
N ILE B 29 -32.29 10.98 18.56
CA ILE B 29 -30.86 10.73 18.55
C ILE B 29 -30.37 10.43 17.15
N VAL B 30 -29.06 10.33 17.02
CA VAL B 30 -28.37 10.04 15.77
C VAL B 30 -27.01 9.49 16.12
N GLY B 31 -26.72 8.35 15.54
CA GLY B 31 -25.47 7.69 15.81
C GLY B 31 -25.87 6.28 16.20
N GLY B 32 -24.91 5.50 16.67
CA GLY B 32 -25.20 4.15 17.07
C GLY B 32 -24.78 3.87 18.49
N VAL B 33 -23.66 4.44 18.91
CA VAL B 33 -23.16 4.22 20.26
C VAL B 33 -24.02 4.93 21.31
N TYR B 34 -25.22 5.31 20.90
CA TYR B 34 -26.15 5.99 21.80
C TYR B 34 -27.45 5.21 21.99
N LEU B 35 -27.49 3.98 21.47
CA LEU B 35 -28.68 3.15 21.59
C LEU B 35 -28.58 2.13 22.73
N ASP C 1 10.65 11.92 17.51
CA ASP C 1 11.85 11.14 17.08
C ASP C 1 11.85 10.98 15.56
N ILE C 2 13.03 11.15 14.95
CA ILE C 2 13.18 11.01 13.50
C ILE C 2 13.21 9.52 13.11
N VAL C 3 12.27 9.10 12.28
CA VAL C 3 12.20 7.69 11.87
C VAL C 3 12.94 7.38 10.57
N MET C 4 13.82 6.37 10.65
CA MET C 4 14.62 5.91 9.52
C MET C 4 14.04 4.63 8.92
N SER C 5 13.75 4.67 7.63
CA SER C 5 13.23 3.49 6.96
C SER C 5 14.25 3.01 5.93
N GLN C 6 14.62 1.74 6.03
CA GLN C 6 15.57 1.15 5.10
C GLN C 6 14.93 0.01 4.31
N SER C 7 15.34 -0.13 3.05
CA SER C 7 14.81 -1.18 2.20
C SER C 7 15.81 -1.40 1.06
N PRO C 8 15.86 -2.62 0.50
CA PRO C 8 15.05 -3.79 0.87
C PRO C 8 15.36 -4.19 2.29
N SER C 9 14.73 -5.27 2.74
CA SER C 9 14.99 -5.77 4.07
C SER C 9 16.26 -6.57 3.89
N SER C 10 16.40 -7.14 2.69
CA SER C 10 17.58 -7.92 2.35
C SER C 10 17.72 -8.02 0.83
N LEU C 11 18.95 -8.30 0.40
CA LEU C 11 19.29 -8.43 -1.01
C LEU C 11 20.30 -9.54 -1.27
N ALA C 12 20.19 -10.15 -2.46
CA ALA C 12 21.10 -11.20 -2.83
C ALA C 12 21.54 -10.95 -4.26
N VAL C 13 22.84 -10.75 -4.46
CA VAL C 13 23.41 -10.47 -5.77
C VAL C 13 24.64 -11.31 -6.09
N SER C 14 24.98 -11.40 -7.38
CA SER C 14 26.14 -12.16 -7.84
C SER C 14 27.37 -11.30 -7.74
N ALA C 15 28.52 -11.92 -7.52
CA ALA C 15 29.76 -11.16 -7.42
C ALA C 15 29.95 -10.25 -8.62
N GLY C 16 30.53 -9.07 -8.37
CA GLY C 16 30.79 -8.13 -9.43
C GLY C 16 29.63 -7.25 -9.85
N GLU C 17 28.44 -7.55 -9.35
CA GLU C 17 27.27 -6.74 -9.72
C GLU C 17 27.15 -5.49 -8.84
N LYS C 18 26.27 -4.58 -9.25
CA LYS C 18 26.06 -3.34 -8.53
C LYS C 18 24.76 -3.48 -7.76
N VAL C 19 24.81 -3.18 -6.48
CA VAL C 19 23.62 -3.28 -5.63
C VAL C 19 23.28 -1.93 -5.04
N THR C 20 21.99 -1.62 -4.96
CA THR C 20 21.55 -0.33 -4.43
C THR C 20 20.66 -0.50 -3.21
N MET C 21 21.00 0.20 -2.12
CA MET C 21 20.23 0.17 -0.88
C MET C 21 19.58 1.52 -0.64
N SER C 22 18.39 1.48 -0.04
CA SER C 22 17.63 2.70 0.19
C SER C 22 17.37 2.97 1.66
N CYS C 23 17.32 4.26 1.99
CA CYS C 23 17.08 4.71 3.36
C CYS C 23 16.34 6.02 3.26
N LYS C 24 15.21 6.14 3.96
CA LYS C 24 14.45 7.37 3.95
C LYS C 24 14.09 7.78 5.35
N SER C 25 14.24 9.08 5.61
CA SER C 25 13.96 9.65 6.92
C SER C 25 12.60 10.32 6.99
N SER C 26 11.98 10.39 8.12
CA SER C 26 10.89 11.13 8.59
C SER C 26 10.69 12.60 8.39
N GLN C 27 11.53 13.41 7.94
CA GLN C 27 12.15 14.65 8.06
C GLN C 27 13.52 14.53 7.30
N SER C 28 14.23 15.55 7.20
CA SER C 28 15.17 16.31 6.49
C SER C 28 16.40 16.46 7.44
N LEU C 29 17.43 15.95 6.90
CA LEU C 29 18.69 15.83 7.60
C LEU C 29 19.54 16.98 7.26
N LEU C 30 19.02 17.84 6.43
CA LEU C 30 19.88 18.87 5.88
C LEU C 30 19.91 20.16 6.67
N ASN C 31 21.06 20.45 7.27
CA ASN C 31 21.20 21.67 8.04
C ASN C 31 21.31 22.83 7.05
N SER C 32 20.54 23.87 7.28
CA SER C 32 20.56 25.02 6.39
C SER C 32 21.92 25.71 6.30
N ARG C 33 22.53 26.01 7.43
CA ARG C 33 23.82 26.70 7.41
C ARG C 33 25.01 25.84 6.99
N THR C 34 25.14 24.64 7.55
CA THR C 34 26.30 23.81 7.19
C THR C 34 26.20 23.20 5.81
N ARG C 35 24.97 23.07 5.31
CA ARG C 35 24.70 22.50 3.98
C ARG C 35 25.06 21.03 3.99
N LYS C 36 24.85 20.44 5.16
CA LYS C 36 25.15 19.03 5.40
C LYS C 36 23.96 18.16 5.73
N ASN C 37 24.04 16.92 5.29
CA ASN C 37 23.01 15.96 5.62
C ASN C 37 23.72 15.08 6.64
N TYR C 38 23.17 15.02 7.84
CA TYR C 38 23.77 14.22 8.89
C TYR C 38 23.26 12.79 8.90
N LEU C 39 23.59 12.11 7.80
CA LEU C 39 23.21 10.73 7.58
C LEU C 39 24.48 9.90 7.33
N ALA C 40 24.63 8.81 8.08
CA ALA C 40 25.81 7.95 7.93
C ALA C 40 25.40 6.51 7.67
N TRP C 41 26.28 5.77 7.01
CA TRP C 41 26.03 4.37 6.71
C TRP C 41 27.05 3.53 7.44
N TYR C 42 26.60 2.46 8.07
CA TYR C 42 27.51 1.57 8.79
C TYR C 42 27.37 0.15 8.28
N GLN C 43 28.47 -0.59 8.32
CA GLN C 43 28.48 -1.96 7.87
C GLN C 43 28.76 -2.84 9.05
N GLN C 44 28.00 -3.92 9.19
CA GLN C 44 28.23 -4.84 10.29
C GLN C 44 28.20 -6.30 9.84
N LYS C 45 29.30 -6.99 10.13
CA LYS C 45 29.43 -8.38 9.79
C LYS C 45 29.14 -9.21 11.03
N PRO C 46 28.79 -10.50 10.85
CA PRO C 46 28.48 -11.37 11.98
C PRO C 46 29.48 -11.33 13.12
N GLY C 47 28.96 -11.10 14.32
CA GLY C 47 29.78 -11.07 15.52
C GLY C 47 30.67 -9.85 15.70
N GLN C 48 30.80 -9.06 14.65
CA GLN C 48 31.64 -7.87 14.68
C GLN C 48 30.82 -6.65 15.07
N SER C 49 31.51 -5.59 15.47
CA SER C 49 30.82 -4.36 15.82
C SER C 49 30.69 -3.61 14.50
N PRO C 50 29.83 -2.58 14.45
CA PRO C 50 29.64 -1.81 13.21
C PRO C 50 30.89 -1.05 12.81
N LYS C 51 30.96 -0.68 11.53
CA LYS C 51 32.08 0.06 10.98
C LYS C 51 31.50 1.05 9.98
N VAL C 52 31.71 2.33 10.23
CA VAL C 52 31.19 3.37 9.34
C VAL C 52 31.75 3.29 7.93
N LEU C 53 30.93 3.67 6.95
CA LEU C 53 31.35 3.66 5.55
C LEU C 53 31.20 5.06 4.98
N ILE C 54 30.07 5.68 5.27
CA ILE C 54 29.79 7.01 4.74
C ILE C 54 29.26 7.96 5.81
N TYR C 55 29.61 9.24 5.70
CA TYR C 55 29.10 10.27 6.62
C TYR C 55 28.79 11.49 5.78
N TRP C 56 28.33 12.41 6.23
CA TRP C 56 27.59 13.41 5.47
C TRP C 56 27.35 12.96 4.04
N ALA C 57 26.43 11.97 4.39
CA ALA C 57 25.49 11.47 3.41
C ALA C 57 26.13 10.96 2.16
N SER C 58 27.41 11.09 1.96
CA SER C 58 28.15 10.96 0.76
C SER C 58 29.62 10.88 0.95
N THR C 59 30.10 11.33 2.11
CA THR C 59 31.58 11.50 2.18
C THR C 59 32.14 10.20 2.62
N ARG C 60 32.88 9.51 1.81
CA ARG C 60 33.42 8.21 2.14
C ARG C 60 34.47 8.30 3.24
N GLU C 61 34.31 7.48 4.28
CA GLU C 61 35.25 7.44 5.38
C GLU C 61 36.62 7.01 4.85
N SER C 62 37.70 7.45 5.50
CA SER C 62 39.02 7.06 5.03
C SER C 62 39.25 5.57 5.17
N GLY C 63 39.91 4.97 4.18
CA GLY C 63 40.17 3.55 4.21
C GLY C 63 39.10 2.69 3.53
N VAL C 64 37.93 3.27 3.27
CA VAL C 64 36.85 2.55 2.60
C VAL C 64 37.00 2.68 1.09
N PRO C 65 36.97 1.55 0.37
CA PRO C 65 37.10 1.57 -1.10
C PRO C 65 36.01 2.37 -1.79
N ASP C 66 36.39 3.01 -2.90
CA ASP C 66 35.47 3.83 -3.69
C ASP C 66 34.31 3.03 -4.23
N ARG C 67 34.35 1.70 -4.08
CA ARG C 67 33.28 0.82 -4.54
C ARG C 67 31.94 1.25 -3.90
N PHE C 68 32.02 1.76 -2.66
CA PHE C 68 30.85 2.24 -1.91
C PHE C 68 30.60 3.72 -2.18
N THR C 69 29.35 4.07 -2.47
CA THR C 69 29.00 5.46 -2.74
C THR C 69 27.66 5.84 -2.13
N GLY C 70 27.67 6.90 -1.34
CA GLY C 70 26.42 7.35 -0.72
C GLY C 70 25.85 8.57 -1.45
N ARG C 71 24.55 8.56 -1.72
CA ARG C 71 23.93 9.68 -2.41
C ARG C 71 22.69 10.10 -1.67
N GLY C 72 22.03 11.14 -2.15
CA GLY C 72 20.81 11.59 -1.52
C GLY C 72 20.95 12.89 -0.76
N SER C 73 19.81 13.46 -0.41
CA SER C 73 19.76 14.71 0.34
C SER C 73 18.32 14.97 0.76
N GLY C 74 18.13 15.35 2.01
CA GLY C 74 16.78 15.63 2.47
C GLY C 74 16.19 14.47 3.25
N THR C 75 15.46 13.60 2.55
CA THR C 75 14.83 12.45 3.21
C THR C 75 15.10 11.17 2.44
N ASP C 76 15.70 11.30 1.26
CA ASP C 76 15.98 10.16 0.42
C ASP C 76 17.47 9.96 0.23
N PHE C 77 17.99 8.85 0.76
CA PHE C 77 19.40 8.53 0.66
C PHE C 77 19.59 7.11 0.16
N THR C 78 20.75 6.83 -0.41
CA THR C 78 21.06 5.51 -0.92
C THR C 78 22.52 5.15 -0.74
N LEU C 79 22.79 3.86 -0.66
CA LEU C 79 24.15 3.37 -0.53
C LEU C 79 24.31 2.43 -1.71
N THR C 80 25.45 2.52 -2.39
CA THR C 80 25.67 1.68 -3.56
C THR C 80 27.03 1.01 -3.50
N ILE C 81 27.07 -0.23 -3.97
CA ILE C 81 28.29 -0.97 -4.02
C ILE C 81 28.39 -1.43 -5.44
N SER C 82 29.37 -0.86 -6.16
CA SER C 82 29.55 -1.11 -7.59
C SER C 82 30.02 -2.51 -8.01
N SER C 83 30.98 -3.07 -7.28
CA SER C 83 31.52 -4.38 -7.64
C SER C 83 31.50 -5.29 -6.41
N VAL C 84 30.30 -5.70 -6.04
CA VAL C 84 30.06 -6.53 -4.86
C VAL C 84 30.89 -7.81 -4.75
N GLN C 85 31.56 -7.97 -3.62
CA GLN C 85 32.40 -9.14 -3.38
C GLN C 85 31.90 -9.87 -2.13
N ALA C 86 32.45 -11.04 -1.85
CA ALA C 86 32.02 -11.80 -0.67
C ALA C 86 32.29 -11.04 0.63
N GLU C 87 33.33 -10.22 0.68
CA GLU C 87 33.62 -9.46 1.90
C GLU C 87 32.62 -8.32 2.16
N ASP C 88 31.54 -8.26 1.39
CA ASP C 88 30.53 -7.24 1.59
C ASP C 88 29.30 -7.84 2.29
N GLN C 89 29.29 -9.16 2.41
CA GLN C 89 28.19 -9.85 3.08
C GLN C 89 28.09 -9.31 4.50
N ALA C 90 26.99 -8.63 4.78
CA ALA C 90 26.79 -8.03 6.09
C ALA C 90 25.44 -7.31 6.12
N VAL C 91 25.15 -6.67 7.25
CA VAL C 91 23.93 -5.88 7.36
C VAL C 91 24.40 -4.42 7.27
N TYR C 92 23.65 -3.58 6.60
CA TYR C 92 24.03 -2.19 6.45
C TYR C 92 22.99 -1.30 7.09
N TYR C 93 23.45 -0.37 7.93
CA TYR C 93 22.54 0.52 8.64
C TYR C 93 22.77 1.97 8.32
N CYS C 94 21.69 2.75 8.24
CA CYS C 94 21.84 4.17 8.05
C CYS C 94 21.45 4.73 9.41
N LYS C 95 22.05 5.85 9.78
CA LYS C 95 21.80 6.47 11.08
C LYS C 95 21.71 7.96 10.91
N GLN C 96 20.67 8.55 11.48
CA GLN C 96 20.53 9.99 11.38
C GLN C 96 21.04 10.63 12.68
N ALA C 97 21.81 11.70 12.53
CA ALA C 97 22.34 12.42 13.67
C ALA C 97 22.06 13.90 13.55
N TYR C 98 20.98 14.23 12.83
CA TYR C 98 20.59 15.60 12.64
C TYR C 98 20.00 16.15 13.93
N ILE C 99 19.01 15.43 14.47
CA ILE C 99 18.32 15.81 15.70
C ILE C 99 18.23 14.62 16.63
N PRO C 100 18.79 14.74 17.85
CA PRO C 100 18.70 13.61 18.79
C PRO C 100 17.25 13.24 19.06
N PRO C 101 16.99 11.97 19.44
CA PRO C 101 18.01 10.93 19.60
C PRO C 101 18.48 10.40 18.25
N LEU C 102 19.71 9.91 18.21
CA LEU C 102 20.27 9.33 16.99
C LEU C 102 19.45 8.08 16.76
N THR C 103 18.90 7.94 15.56
CA THR C 103 18.10 6.77 15.25
C THR C 103 18.69 5.98 14.10
N PHE C 104 18.53 4.65 14.14
CA PHE C 104 19.05 3.78 13.09
C PHE C 104 17.93 3.17 12.27
N GLY C 105 18.24 2.79 11.03
CA GLY C 105 17.26 2.14 10.18
C GLY C 105 17.25 0.70 10.67
N ALA C 106 16.30 -0.11 10.18
CA ALA C 106 16.22 -1.50 10.62
C ALA C 106 17.34 -2.36 10.04
N GLY C 107 18.04 -1.80 9.06
CA GLY C 107 19.14 -2.50 8.42
C GLY C 107 18.76 -3.27 7.18
N THR C 108 19.74 -3.50 6.30
CA THR C 108 19.50 -4.25 5.08
C THR C 108 20.56 -5.33 4.98
N LYS C 109 20.13 -6.59 5.00
CA LYS C 109 21.06 -7.72 4.89
C LYS C 109 21.44 -7.92 3.44
N LEU C 110 22.75 -8.07 3.21
CA LEU C 110 23.26 -8.28 1.86
C LEU C 110 23.99 -9.60 1.77
N GLU C 111 23.50 -10.50 0.91
CA GLU C 111 24.14 -11.80 0.72
C GLU C 111 24.55 -11.98 -0.73
N LEU C 112 25.43 -12.94 -0.97
CA LEU C 112 25.89 -13.18 -2.33
C LEU C 112 25.17 -14.38 -2.96
N LYS C 113 25.06 -14.34 -4.28
CA LYS C 113 24.45 -15.43 -5.03
C LYS C 113 25.64 -16.05 -5.76
N ARG C 114 25.66 -17.38 -5.83
CA ARG C 114 26.75 -18.05 -6.50
C ARG C 114 26.24 -19.32 -7.15
N ALA C 115 27.16 -20.07 -7.75
CA ALA C 115 26.79 -21.33 -8.40
C ALA C 115 26.39 -22.31 -7.31
N ASP C 116 25.49 -23.21 -7.64
CA ASP C 116 25.05 -24.18 -6.65
C ASP C 116 26.22 -25.07 -6.26
N ALA C 117 26.19 -25.59 -5.03
CA ALA C 117 27.23 -26.45 -4.53
C ALA C 117 26.59 -27.44 -3.58
N ALA C 118 26.92 -28.71 -3.75
CA ALA C 118 26.36 -29.74 -2.90
C ALA C 118 27.11 -29.86 -1.61
N PRO C 119 26.42 -30.23 -0.53
CA PRO C 119 27.02 -30.37 0.80
C PRO C 119 28.03 -31.49 0.82
N THR C 120 29.17 -31.24 1.47
CA THR C 120 30.18 -32.28 1.66
C THR C 120 29.85 -32.69 3.09
N VAL C 121 29.34 -33.92 3.26
CA VAL C 121 28.90 -34.44 4.55
C VAL C 121 29.85 -35.36 5.30
N SER C 122 29.95 -35.14 6.61
CA SER C 122 30.79 -35.94 7.48
C SER C 122 29.96 -36.34 8.69
N ILE C 123 30.22 -37.53 9.22
CA ILE C 123 29.49 -38.00 10.38
C ILE C 123 30.52 -38.47 11.40
N PHE C 124 30.25 -38.20 12.67
CA PHE C 124 31.17 -38.59 13.72
C PHE C 124 30.49 -39.34 14.84
N PRO C 125 30.98 -40.53 15.16
CA PRO C 125 30.37 -41.30 16.24
C PRO C 125 30.69 -40.55 17.53
N PRO C 126 30.05 -40.93 18.64
CA PRO C 126 30.28 -40.29 19.93
C PRO C 126 31.75 -40.47 20.32
N SER C 127 32.35 -39.43 20.92
CA SER C 127 33.73 -39.54 21.38
C SER C 127 33.74 -40.53 22.55
N SER C 128 34.79 -41.30 22.71
CA SER C 128 34.83 -42.25 23.82
C SER C 128 34.77 -41.46 25.12
N GLU C 129 35.37 -40.27 25.09
CA GLU C 129 35.39 -39.38 26.24
C GLU C 129 33.97 -39.09 26.70
N GLN C 130 33.06 -38.85 25.74
CA GLN C 130 31.67 -38.59 26.09
C GLN C 130 30.97 -39.85 26.58
N LEU C 131 31.36 -40.99 26.04
CA LEU C 131 30.73 -42.24 26.46
C LEU C 131 30.97 -42.51 27.94
N THR C 132 32.14 -42.17 28.46
CA THR C 132 32.39 -42.41 29.87
C THR C 132 31.48 -41.55 30.77
N SER C 133 30.72 -40.64 30.18
CA SER C 133 29.83 -39.81 30.98
C SER C 133 28.38 -40.29 30.83
N GLY C 134 28.18 -41.35 30.06
CA GLY C 134 26.84 -41.87 29.87
C GLY C 134 26.01 -41.06 28.91
N GLY C 135 26.68 -40.24 28.10
CA GLY C 135 25.99 -39.44 27.10
C GLY C 135 26.41 -39.97 25.75
N ALA C 136 25.68 -39.62 24.69
CA ALA C 136 26.00 -40.09 23.34
C ALA C 136 25.46 -39.16 22.27
N SER C 137 26.37 -38.48 21.58
CA SER C 137 25.93 -37.59 20.53
C SER C 137 26.60 -38.00 19.23
N VAL C 138 25.83 -37.96 18.15
CA VAL C 138 26.35 -38.28 16.83
C VAL C 138 26.28 -36.96 16.08
N VAL C 139 27.43 -36.47 15.63
CA VAL C 139 27.44 -35.21 14.93
C VAL C 139 27.60 -35.41 13.43
N CYS C 140 26.86 -34.61 12.67
CA CYS C 140 26.88 -34.66 11.22
C CYS C 140 27.14 -33.24 10.72
N PHE C 141 28.17 -33.05 9.90
CA PHE C 141 28.47 -31.72 9.37
C PHE C 141 28.13 -31.67 7.89
N LEU C 142 27.32 -30.69 7.47
CA LEU C 142 26.97 -30.53 6.06
C LEU C 142 27.58 -29.19 5.68
N ASN C 143 28.82 -29.22 5.22
CA ASN C 143 29.54 -28.00 4.87
C ASN C 143 29.60 -27.52 3.43
N ASN C 144 29.80 -26.20 3.31
CA ASN C 144 29.96 -25.48 2.06
C ASN C 144 29.01 -25.80 0.92
N PHE C 145 27.72 -25.58 1.14
CA PHE C 145 26.74 -25.85 0.11
C PHE C 145 26.03 -24.56 -0.29
N TYR C 146 25.22 -24.64 -1.34
CA TYR C 146 24.47 -23.49 -1.83
C TYR C 146 23.46 -23.90 -2.89
N PRO C 147 22.24 -23.33 -2.85
CA PRO C 147 21.72 -22.28 -1.95
C PRO C 147 21.68 -22.71 -0.47
N LYS C 148 21.17 -21.82 0.38
CA LYS C 148 21.13 -22.08 1.82
C LYS C 148 20.07 -23.01 2.37
N ASP C 149 19.06 -23.32 1.58
CA ASP C 149 17.98 -24.21 2.06
C ASP C 149 18.47 -25.67 2.15
N ILE C 150 18.21 -26.35 3.28
CA ILE C 150 18.76 -27.68 3.46
C ILE C 150 17.99 -28.54 4.51
N ASN C 151 17.79 -29.84 4.27
CA ASN C 151 17.11 -30.69 5.28
C ASN C 151 17.90 -31.89 5.64
N VAL C 152 17.86 -32.24 6.92
CA VAL C 152 18.60 -33.40 7.39
C VAL C 152 17.67 -34.44 8.02
N LYS C 153 17.98 -35.71 7.83
CA LYS C 153 17.19 -36.78 8.41
C LYS C 153 18.11 -37.74 9.12
N TRP C 154 17.74 -38.13 10.33
CA TRP C 154 18.54 -39.06 11.11
C TRP C 154 17.90 -40.42 11.14
N LYS C 155 18.70 -41.46 10.98
CA LYS C 155 18.19 -42.83 11.01
C LYS C 155 19.04 -43.71 11.92
N ILE C 156 18.36 -44.57 12.68
CA ILE C 156 19.02 -45.48 13.59
C ILE C 156 18.53 -46.85 13.16
N ASP C 157 19.44 -47.66 12.59
CA ASP C 157 19.07 -48.98 12.09
C ASP C 157 17.93 -48.81 11.09
N GLY C 158 18.12 -47.87 10.16
CA GLY C 158 17.11 -47.61 9.15
C GLY C 158 15.85 -46.86 9.55
N SER C 159 15.62 -46.72 10.86
CA SER C 159 14.43 -46.01 11.34
C SER C 159 14.69 -44.53 11.59
N GLU C 160 13.79 -43.68 11.12
CA GLU C 160 13.93 -42.25 11.30
C GLU C 160 13.80 -41.85 12.76
N ARG C 161 14.59 -40.87 13.18
CA ARG C 161 14.58 -40.40 14.56
C ARG C 161 14.43 -38.87 14.62
N GLN C 162 13.46 -38.40 15.38
CA GLN C 162 13.20 -36.96 15.50
C GLN C 162 13.60 -36.37 16.85
N ASN C 163 13.57 -37.18 17.89
CA ASN C 163 13.92 -36.70 19.22
C ASN C 163 15.40 -36.59 19.46
N GLY C 164 15.78 -35.62 20.30
CA GLY C 164 17.18 -35.43 20.63
C GLY C 164 18.05 -34.89 19.50
N VAL C 165 17.45 -34.20 18.55
CA VAL C 165 18.24 -33.67 17.46
C VAL C 165 18.28 -32.13 17.53
N LEU C 166 19.50 -31.59 17.48
CA LEU C 166 19.74 -30.15 17.52
C LEU C 166 20.42 -29.75 16.22
N ASN C 167 19.93 -28.65 15.62
CA ASN C 167 20.47 -28.15 14.37
C ASN C 167 20.93 -26.70 14.50
N SER C 168 21.99 -26.37 13.78
CA SER C 168 22.55 -25.03 13.78
C SER C 168 23.13 -24.67 12.42
N TRP C 169 22.81 -23.47 11.95
CA TRP C 169 23.29 -23.01 10.64
C TRP C 169 24.25 -21.83 10.75
N THR C 170 25.17 -21.79 9.79
CA THR C 170 26.21 -20.77 9.72
C THR C 170 25.80 -19.65 8.76
N ASP C 171 26.33 -18.44 8.99
CA ASP C 171 26.06 -17.28 8.13
C ASP C 171 26.87 -17.50 6.86
N GLN C 172 26.46 -16.84 5.77
CA GLN C 172 27.19 -17.00 4.51
C GLN C 172 28.68 -16.89 4.76
N ASP C 173 29.45 -17.83 4.22
CA ASP C 173 30.90 -17.84 4.39
C ASP C 173 31.53 -16.61 3.78
N SER C 174 32.45 -15.99 4.50
CA SER C 174 33.12 -14.79 4.01
C SER C 174 34.03 -15.04 2.81
N LYS C 175 34.38 -16.30 2.56
CA LYS C 175 35.27 -16.62 1.45
C LYS C 175 34.61 -17.20 0.18
N ASP C 176 33.92 -18.33 0.33
CA ASP C 176 33.29 -19.02 -0.80
C ASP C 176 31.80 -18.74 -0.99
N SER C 177 31.23 -17.94 -0.10
CA SER C 177 29.82 -17.58 -0.17
C SER C 177 28.86 -18.76 -0.02
N THR C 178 29.35 -19.88 0.51
CA THR C 178 28.46 -21.04 0.71
C THR C 178 27.89 -20.95 2.12
N TYR C 179 27.20 -22.02 2.52
CA TYR C 179 26.60 -22.12 3.84
C TYR C 179 26.89 -23.50 4.39
N SER C 180 26.83 -23.65 5.71
CA SER C 180 27.03 -24.94 6.35
C SER C 180 25.94 -25.12 7.42
N MET C 181 25.85 -26.31 7.98
CA MET C 181 24.90 -26.58 9.03
C MET C 181 25.42 -27.75 9.83
N SER C 182 25.10 -27.76 11.11
CA SER C 182 25.55 -28.81 12.00
C SER C 182 24.36 -29.45 12.68
N SER C 183 24.28 -30.77 12.63
CA SER C 183 23.18 -31.47 13.26
C SER C 183 23.74 -32.46 14.26
N THR C 184 23.18 -32.46 15.46
CA THR C 184 23.64 -33.37 16.49
C THR C 184 22.47 -34.17 17.03
N LEU C 185 22.69 -35.49 17.13
CA LEU C 185 21.68 -36.39 17.66
C LEU C 185 22.22 -36.86 19.00
N THR C 186 21.45 -36.63 20.06
CA THR C 186 21.88 -37.04 21.38
C THR C 186 21.01 -38.10 22.03
N LEU C 187 21.65 -39.10 22.63
CA LEU C 187 20.96 -40.19 23.29
C LEU C 187 21.75 -40.56 24.52
N THR C 188 21.23 -41.46 25.32
CA THR C 188 21.95 -41.93 26.48
C THR C 188 22.89 -43.01 25.95
N LYS C 189 24.02 -43.19 26.62
CA LYS C 189 24.98 -44.19 26.22
C LYS C 189 24.21 -45.50 25.97
N ASP C 190 23.28 -45.82 26.87
CA ASP C 190 22.48 -47.03 26.79
C ASP C 190 21.75 -47.18 25.46
N GLU C 191 20.97 -46.16 25.07
CA GLU C 191 20.24 -46.24 23.81
C GLU C 191 21.24 -46.47 22.68
N TYR C 192 22.28 -45.65 22.68
CA TYR C 192 23.32 -45.73 21.66
C TYR C 192 23.94 -47.12 21.47
N GLU C 193 24.18 -47.83 22.58
CA GLU C 193 24.79 -49.14 22.51
C GLU C 193 23.84 -50.28 22.17
N ARG C 194 22.56 -49.98 22.02
CA ARG C 194 21.57 -51.00 21.69
C ARG C 194 21.22 -51.04 20.21
N HIS C 195 21.71 -50.05 19.46
CA HIS C 195 21.48 -50.00 18.04
C HIS C 195 22.85 -50.05 17.37
N ASN C 196 22.89 -50.40 16.10
CA ASN C 196 24.18 -50.53 15.44
C ASN C 196 24.48 -49.54 14.32
N SER C 197 23.52 -49.30 13.45
CA SER C 197 23.74 -48.39 12.34
C SER C 197 23.16 -46.98 12.50
N TYR C 198 24.03 -45.98 12.48
CA TYR C 198 23.60 -44.58 12.61
C TYR C 198 23.90 -43.86 11.30
N THR C 199 22.94 -43.11 10.76
CA THR C 199 23.18 -42.41 9.51
C THR C 199 22.40 -41.09 9.40
N CYS C 200 22.98 -40.10 8.70
CA CYS C 200 22.30 -38.82 8.47
C CYS C 200 22.13 -38.57 6.97
N GLU C 201 20.92 -38.22 6.59
CA GLU C 201 20.63 -37.97 5.18
C GLU C 201 20.38 -36.49 4.93
N ALA C 202 21.16 -35.93 4.02
CA ALA C 202 21.02 -34.53 3.68
C ALA C 202 20.23 -34.42 2.39
N THR C 203 19.29 -33.48 2.35
CA THR C 203 18.49 -33.28 1.14
C THR C 203 18.70 -31.84 0.67
N HIS C 204 19.35 -31.69 -0.47
CA HIS C 204 19.63 -30.38 -1.05
C HIS C 204 19.10 -30.35 -2.49
N LYS C 205 18.93 -29.17 -3.07
CA LYS C 205 18.36 -29.04 -4.43
C LYS C 205 19.32 -29.55 -5.50
N THR C 206 20.58 -29.50 -5.14
CA THR C 206 21.71 -29.89 -5.92
C THR C 206 21.74 -31.42 -6.18
N SER C 207 20.59 -32.06 -5.94
CA SER C 207 20.41 -33.51 -6.11
C SER C 207 19.04 -33.98 -5.65
N THR C 208 18.47 -34.96 -6.34
CA THR C 208 17.15 -35.48 -5.98
C THR C 208 17.35 -36.61 -4.97
N SER C 209 18.55 -37.18 -5.02
CA SER C 209 18.93 -38.27 -4.14
C SER C 209 19.71 -37.79 -2.90
N PRO C 210 19.14 -38.01 -1.72
CA PRO C 210 19.78 -37.60 -0.46
C PRO C 210 21.22 -38.06 -0.35
N ILE C 211 22.11 -37.16 0.05
CA ILE C 211 23.49 -37.54 0.24
C ILE C 211 23.43 -38.29 1.56
N VAL C 212 23.93 -39.52 1.54
CA VAL C 212 23.90 -40.37 2.73
C VAL C 212 25.28 -40.61 3.33
N LYS C 213 25.33 -40.62 4.65
CA LYS C 213 26.57 -40.87 5.37
C LYS C 213 26.24 -41.66 6.62
N SER C 214 27.09 -42.60 6.97
CA SER C 214 26.82 -43.41 8.13
C SER C 214 28.02 -44.19 8.61
N PHE C 215 27.76 -45.00 9.63
CA PHE C 215 28.76 -45.86 10.22
C PHE C 215 27.99 -46.89 11.03
N ASN C 216 28.64 -48.02 11.31
CA ASN C 216 28.03 -49.08 12.07
C ASN C 216 28.89 -49.32 13.30
N ARG C 217 28.27 -49.28 14.48
CA ARG C 217 29.01 -49.48 15.72
C ARG C 217 29.86 -50.74 15.79
N ASN C 218 29.46 -51.78 15.05
CA ASN C 218 30.17 -53.05 15.05
C ASN C 218 31.47 -52.98 14.26
N GLU C 219 31.78 -51.80 13.73
CA GLU C 219 32.99 -51.63 12.94
C GLU C 219 33.98 -50.61 13.49
N CYS C 220 33.64 -49.99 14.62
CA CYS C 220 34.53 -49.01 15.24
C CYS C 220 35.56 -49.68 16.14
N GLN D 1 47.65 2.56 19.03
CA GLN D 1 46.50 2.79 18.11
C GLN D 1 45.21 3.09 18.87
N ILE D 2 44.21 3.60 18.16
CA ILE D 2 42.93 3.96 18.77
C ILE D 2 42.06 2.76 19.10
N GLN D 3 41.80 2.55 20.39
CA GLN D 3 41.00 1.41 20.82
C GLN D 3 40.02 1.69 21.95
N LEU D 4 39.03 0.82 21.99
CA LEU D 4 37.99 0.86 23.00
C LEU D 4 37.93 -0.57 23.48
N VAL D 5 38.41 -0.82 24.69
CA VAL D 5 38.39 -2.17 25.26
C VAL D 5 37.26 -2.28 26.28
N GLN D 6 36.37 -3.24 26.06
CA GLN D 6 35.23 -3.43 26.95
C GLN D 6 35.41 -4.61 27.87
N SER D 7 34.72 -4.58 29.00
CA SER D 7 34.81 -5.67 29.97
C SER D 7 34.20 -6.94 29.35
N GLY D 8 34.33 -8.07 30.02
CA GLY D 8 33.81 -9.32 29.47
C GLY D 8 32.31 -9.51 29.52
N PRO D 9 31.84 -10.68 29.08
CA PRO D 9 30.41 -11.00 29.09
C PRO D 9 29.93 -11.22 30.53
N GLU D 10 28.71 -10.80 30.80
CA GLU D 10 28.14 -10.89 32.13
C GLU D 10 26.86 -11.71 32.14
N LEU D 11 26.65 -12.45 33.21
CA LEU D 11 25.45 -13.27 33.38
C LEU D 11 24.80 -12.83 34.69
N LYS D 12 23.72 -12.07 34.59
CA LYS D 12 23.03 -11.57 35.76
C LYS D 12 21.63 -12.12 35.97
N LYS D 13 21.22 -12.20 37.23
CA LYS D 13 19.90 -12.69 37.55
C LYS D 13 18.96 -11.49 37.47
N PRO D 14 17.69 -11.73 37.15
CA PRO D 14 16.72 -10.62 37.06
C PRO D 14 16.69 -9.83 38.36
N GLY D 15 16.65 -8.52 38.25
CA GLY D 15 16.62 -7.67 39.42
C GLY D 15 17.99 -7.29 39.95
N GLU D 16 19.05 -7.78 39.33
CA GLU D 16 20.39 -7.43 39.79
C GLU D 16 20.96 -6.21 39.05
N THR D 17 22.18 -5.84 39.38
CA THR D 17 22.82 -4.70 38.75
C THR D 17 24.09 -5.13 38.02
N VAL D 18 24.38 -4.46 36.90
CA VAL D 18 25.60 -4.78 36.15
C VAL D 18 26.27 -3.48 35.75
N LYS D 19 27.60 -3.49 35.75
CA LYS D 19 28.35 -2.30 35.39
C LYS D 19 29.51 -2.73 34.52
N ILE D 20 29.54 -2.21 33.30
CA ILE D 20 30.58 -2.58 32.37
C ILE D 20 31.43 -1.38 31.96
N SER D 21 32.73 -1.62 31.80
CA SER D 21 33.65 -0.58 31.44
C SER D 21 34.05 -0.56 29.96
N CYS D 22 34.45 0.61 29.49
CA CYS D 22 34.89 0.84 28.13
C CYS D 22 36.17 1.68 28.26
N LYS D 23 37.33 1.03 28.20
CA LYS D 23 38.57 1.77 28.36
C LYS D 23 39.17 2.26 27.05
N ALA D 24 39.26 3.57 26.90
CA ALA D 24 39.80 4.15 25.68
C ALA D 24 41.31 4.32 25.78
N SER D 25 41.98 4.28 24.63
CA SER D 25 43.42 4.45 24.56
C SER D 25 43.77 4.87 23.13
N GLY D 26 44.96 5.44 22.97
CA GLY D 26 45.39 5.87 21.65
C GLY D 26 44.92 7.25 21.25
N TYR D 27 44.15 7.90 22.12
CA TYR D 27 43.67 9.26 21.84
C TYR D 27 43.33 9.93 23.18
N THR D 28 43.15 11.25 23.18
CA THR D 28 42.82 11.92 24.43
C THR D 28 41.34 11.79 24.73
N PHE D 29 41.07 10.89 25.67
CA PHE D 29 39.73 10.53 26.13
C PHE D 29 38.74 11.68 26.27
N THR D 30 39.18 12.80 26.82
CA THR D 30 38.28 13.93 27.04
C THR D 30 37.92 14.80 25.85
N ASP D 31 38.39 14.46 24.65
CA ASP D 31 38.09 15.26 23.47
C ASP D 31 36.89 14.83 22.63
N PHE D 32 36.43 13.60 22.84
CA PHE D 32 35.31 13.07 22.08
C PHE D 32 34.21 12.51 22.96
N SER D 33 32.96 12.77 22.57
CA SER D 33 31.83 12.24 23.32
C SER D 33 31.79 10.72 23.15
N MET D 34 31.50 10.02 24.24
CA MET D 34 31.42 8.56 24.23
C MET D 34 29.94 8.15 24.28
N HIS D 35 29.48 7.42 23.26
CA HIS D 35 28.09 6.98 23.22
C HIS D 35 27.96 5.50 23.49
N TRP D 36 26.72 5.04 23.66
CA TRP D 36 26.46 3.63 23.91
C TRP D 36 25.37 3.15 22.98
N VAL D 37 25.54 1.94 22.45
CA VAL D 37 24.58 1.39 21.51
C VAL D 37 24.34 -0.05 21.87
N ASN D 38 23.08 -0.46 21.86
CA ASN D 38 22.80 -1.83 22.21
C ASN D 38 22.23 -2.60 21.04
N GLN D 39 22.28 -3.92 21.15
CA GLN D 39 21.79 -4.81 20.12
C GLN D 39 21.32 -6.09 20.74
N ALA D 40 20.01 -6.31 20.73
CA ALA D 40 19.44 -7.53 21.27
C ALA D 40 19.74 -8.63 20.26
N PRO D 41 19.79 -9.89 20.71
CA PRO D 41 20.08 -10.99 19.80
C PRO D 41 19.37 -10.87 18.46
N GLY D 42 20.17 -10.76 17.40
CA GLY D 42 19.67 -10.64 16.04
C GLY D 42 18.64 -9.55 15.83
N LYS D 43 18.79 -8.42 16.50
CA LYS D 43 17.79 -7.36 16.37
C LYS D 43 18.19 -5.95 15.90
N GLY D 44 19.43 -5.69 15.54
CA GLY D 44 19.68 -4.33 15.11
C GLY D 44 20.09 -3.34 16.20
N LEU D 45 20.74 -2.26 15.78
CA LEU D 45 21.28 -1.23 16.66
C LEU D 45 20.32 -0.18 17.16
N ASN D 46 20.48 0.16 18.43
CA ASN D 46 19.67 1.19 19.04
C ASN D 46 20.52 2.12 19.92
N TRP D 47 20.42 3.43 19.67
CA TRP D 47 21.19 4.43 20.41
C TRP D 47 20.63 4.65 21.80
N MET D 48 21.49 4.50 22.82
CA MET D 48 21.08 4.67 24.22
C MET D 48 21.34 6.06 24.80
N GLY D 49 22.26 6.80 24.18
CA GLY D 49 22.59 8.11 24.68
C GLY D 49 24.10 8.25 24.78
N TRP D 50 24.56 9.37 25.33
CA TRP D 50 25.98 9.61 25.42
C TRP D 50 26.38 10.30 26.71
N VAL D 51 27.68 10.37 26.94
CA VAL D 51 28.19 11.05 28.10
C VAL D 51 29.27 12.00 27.62
N ASN D 52 29.11 13.28 27.94
CA ASN D 52 30.09 14.28 27.58
C ASN D 52 31.35 13.92 28.38
N THR D 53 32.46 13.69 27.71
CA THR D 53 33.65 13.29 28.45
C THR D 53 34.44 14.39 29.15
N GLU D 54 34.08 15.66 28.96
CA GLU D 54 34.83 16.70 29.66
C GLU D 54 34.01 17.29 30.79
N THR D 55 32.68 17.33 30.61
CA THR D 55 31.79 17.85 31.63
C THR D 55 31.20 16.69 32.43
N GLY D 56 31.30 15.49 31.86
CA GLY D 56 30.79 14.29 32.50
C GLY D 56 29.28 14.21 32.51
N GLU D 57 28.65 15.09 31.76
CA GLU D 57 27.21 15.14 31.72
C GLU D 57 26.61 14.07 30.83
N PRO D 58 25.76 13.20 31.41
CA PRO D 58 25.14 12.15 30.61
C PRO D 58 23.84 12.66 29.99
N THR D 59 23.46 12.04 28.88
CA THR D 59 22.23 12.39 28.18
C THR D 59 21.62 11.05 27.72
N TYR D 60 20.40 10.75 28.16
CA TYR D 60 19.77 9.48 27.83
C TYR D 60 18.64 9.59 26.84
N ALA D 61 18.51 8.58 25.99
CA ALA D 61 17.41 8.51 25.04
C ALA D 61 16.23 8.10 25.90
N ASP D 62 15.05 8.62 25.61
CA ASP D 62 13.88 8.30 26.41
C ASP D 62 13.80 6.83 26.84
N ASP D 63 13.87 5.92 25.88
CA ASP D 63 13.77 4.50 26.18
C ASP D 63 14.74 3.96 27.22
N PHE D 64 15.79 4.71 27.53
CA PHE D 64 16.74 4.26 28.54
C PHE D 64 16.82 5.16 29.75
N LYS D 65 15.79 5.99 29.94
CA LYS D 65 15.73 6.88 31.09
C LYS D 65 15.18 6.09 32.27
N GLY D 66 15.99 5.93 33.31
CA GLY D 66 15.51 5.19 34.47
C GLY D 66 16.53 4.25 35.09
N ARG D 67 16.60 3.03 34.59
CA ARG D 67 17.54 2.04 35.13
C ARG D 67 18.95 2.12 34.58
N PHE D 68 19.16 2.94 33.56
CA PHE D 68 20.47 3.06 32.94
C PHE D 68 21.23 4.27 33.41
N ALA D 69 22.53 4.10 33.60
CA ALA D 69 23.40 5.19 34.06
C ALA D 69 24.79 5.18 33.41
N PHE D 70 25.19 6.35 32.91
CA PHE D 70 26.49 6.54 32.27
C PHE D 70 27.40 7.26 33.27
N SER D 71 28.65 6.80 33.39
CA SER D 71 29.59 7.44 34.31
C SER D 71 31.00 7.35 33.75
N LEU D 72 31.91 8.07 34.39
CA LEU D 72 33.29 8.12 33.96
C LEU D 72 34.30 7.82 35.05
N GLU D 73 35.57 7.94 34.63
CA GLU D 73 36.75 7.80 35.47
C GLU D 73 37.84 8.36 34.54
N THR D 74 37.71 9.65 34.25
CA THR D 74 38.64 10.35 33.36
C THR D 74 40.09 9.97 33.59
N SER D 75 40.49 9.87 34.84
CA SER D 75 41.87 9.53 35.16
C SER D 75 42.28 8.23 34.50
N ALA D 76 41.32 7.33 34.33
CA ALA D 76 41.59 6.04 33.72
C ALA D 76 41.14 5.97 32.27
N SER D 77 40.68 7.11 31.73
CA SER D 77 40.23 7.16 30.34
C SER D 77 39.21 6.06 30.14
N THR D 78 38.32 5.87 31.11
CA THR D 78 37.33 4.81 31.03
C THR D 78 35.91 5.32 31.18
N ALA D 79 35.02 4.74 30.39
CA ALA D 79 33.60 5.10 30.43
C ALA D 79 32.86 3.90 31.01
N TYR D 80 31.80 4.15 31.77
CA TYR D 80 31.03 3.08 32.38
C TYR D 80 29.56 3.11 32.02
N LEU D 81 28.94 1.95 32.08
CA LEU D 81 27.53 1.79 31.78
C LEU D 81 26.96 0.86 32.84
N GLN D 82 26.07 1.38 33.66
CA GLN D 82 25.47 0.55 34.71
C GLN D 82 23.96 0.42 34.49
N ILE D 83 23.42 -0.82 34.56
CA ILE D 83 22.00 -1.11 34.43
C ILE D 83 21.59 -1.61 35.75
N ASN D 84 20.53 -1.04 36.32
CA ASN D 84 20.00 -1.53 37.59
C ASN D 84 18.64 -2.22 37.38
N SER D 85 18.25 -3.04 38.35
CA SER D 85 16.97 -3.73 38.25
C SER D 85 16.88 -4.36 36.87
N LEU D 86 17.80 -5.30 36.62
CA LEU D 86 17.89 -6.00 35.34
C LEU D 86 16.68 -6.82 34.93
N LYS D 87 16.21 -6.56 33.71
CA LYS D 87 15.06 -7.27 33.15
C LYS D 87 15.58 -8.30 32.15
N ASN D 88 14.81 -9.37 31.95
CA ASN D 88 15.22 -10.40 31.00
C ASN D 88 15.42 -9.76 29.64
N GLU D 89 14.60 -8.75 29.34
CA GLU D 89 14.68 -8.05 28.08
C GLU D 89 15.89 -7.16 27.92
N ASP D 90 16.73 -7.05 28.94
CA ASP D 90 17.90 -6.22 28.81
C ASP D 90 19.00 -7.04 28.13
N THR D 91 18.79 -8.35 28.03
CA THR D 91 19.76 -9.22 27.39
C THR D 91 20.08 -8.64 26.03
N ALA D 92 21.37 -8.43 25.81
CA ALA D 92 21.82 -7.84 24.58
C ALA D 92 23.30 -7.58 24.68
N THR D 93 23.87 -7.05 23.62
CA THR D 93 25.28 -6.71 23.66
C THR D 93 25.31 -5.19 23.61
N TYR D 94 26.12 -4.59 24.49
CA TYR D 94 26.22 -3.13 24.53
C TYR D 94 27.58 -2.69 23.98
N PHE D 95 27.55 -1.72 23.07
CA PHE D 95 28.78 -1.20 22.47
C PHE D 95 28.99 0.22 22.94
N CYS D 96 30.25 0.62 23.00
CA CYS D 96 30.58 2.01 23.31
C CYS D 96 31.29 2.42 22.05
N ALA D 97 31.02 3.63 21.59
CA ALA D 97 31.62 4.12 20.36
C ALA D 97 32.06 5.56 20.55
N ARG D 98 33.12 5.95 19.83
CA ARG D 98 33.59 7.32 19.91
C ARG D 98 32.88 8.08 18.82
N PHE D 99 32.38 9.25 19.17
CA PHE D 99 31.63 10.09 18.24
C PHE D 99 32.42 11.33 17.87
N LEU D 100 32.34 11.73 16.59
CA LEU D 100 33.06 12.91 16.10
C LEU D 100 32.13 14.08 15.86
N LEU D 101 32.74 15.25 15.67
CA LEU D 101 32.00 16.47 15.42
C LEU D 101 31.28 16.37 14.09
N ARG D 102 31.74 15.47 13.23
CA ARG D 102 31.11 15.29 11.92
C ARG D 102 29.87 14.38 12.06
N GLN D 103 29.52 14.09 13.30
CA GLN D 103 28.34 13.31 13.66
C GLN D 103 28.23 11.81 13.29
N TYR D 104 29.33 11.08 13.41
CA TYR D 104 29.31 9.64 13.14
C TYR D 104 30.26 8.94 14.11
N PHE D 105 30.16 7.62 14.19
CA PHE D 105 31.03 6.85 15.09
C PHE D 105 32.34 6.35 14.46
N ASP D 106 33.43 6.91 14.98
CA ASP D 106 34.81 6.70 14.58
C ASP D 106 35.36 5.30 14.88
N VAL D 107 35.26 4.91 16.15
CA VAL D 107 35.75 3.61 16.59
C VAL D 107 34.75 3.00 17.54
N TRP D 108 34.73 1.66 17.61
CA TRP D 108 33.80 0.96 18.48
C TRP D 108 34.51 -0.08 19.32
N GLY D 109 33.89 -0.45 20.43
CA GLY D 109 34.45 -1.49 21.29
C GLY D 109 33.90 -2.77 20.70
N ALA D 110 34.41 -3.93 21.11
CA ALA D 110 33.93 -5.19 20.57
C ALA D 110 32.51 -5.45 21.06
N GLY D 111 32.05 -4.61 21.99
CA GLY D 111 30.72 -4.78 22.54
C GLY D 111 30.79 -5.74 23.71
N THR D 112 29.92 -5.54 24.70
CA THR D 112 29.86 -6.41 25.87
C THR D 112 28.47 -7.01 25.87
N THR D 113 28.36 -8.33 25.95
CA THR D 113 27.03 -8.92 25.95
C THR D 113 26.67 -9.34 27.35
N VAL D 114 25.44 -9.01 27.76
CA VAL D 114 24.97 -9.33 29.09
C VAL D 114 23.71 -10.18 29.01
N THR D 115 23.72 -11.30 29.72
CA THR D 115 22.60 -12.22 29.73
C THR D 115 21.87 -12.15 31.07
N VAL D 116 20.57 -11.88 31.03
CA VAL D 116 19.75 -11.81 32.23
C VAL D 116 19.02 -13.16 32.32
N SER D 117 19.33 -13.91 33.38
CA SER D 117 18.71 -15.21 33.53
C SER D 117 18.95 -15.77 34.93
N SER D 118 18.12 -16.74 35.31
CA SER D 118 18.24 -17.36 36.62
C SER D 118 18.93 -18.71 36.51
N ALA D 119 19.19 -19.16 35.29
CA ALA D 119 19.86 -20.44 35.09
C ALA D 119 21.27 -20.41 35.67
N LYS D 120 21.72 -21.53 36.21
CA LYS D 120 23.03 -21.62 36.81
C LYS D 120 24.15 -21.66 35.78
N THR D 121 25.29 -21.08 36.12
CA THR D 121 26.43 -21.08 35.21
C THR D 121 26.98 -22.49 35.25
N THR D 122 27.22 -23.05 34.08
CA THR D 122 27.77 -24.39 34.05
C THR D 122 28.76 -24.51 32.89
N PRO D 123 29.97 -24.99 33.18
CA PRO D 123 31.07 -25.16 32.22
C PRO D 123 30.75 -26.17 31.13
N PRO D 124 31.28 -25.94 29.93
CA PRO D 124 31.04 -26.83 28.79
C PRO D 124 31.89 -28.07 28.84
N SER D 125 31.37 -29.15 28.24
CA SER D 125 32.12 -30.38 28.13
C SER D 125 32.56 -30.28 26.68
N VAL D 126 33.83 -30.59 26.43
CA VAL D 126 34.35 -30.48 25.08
C VAL D 126 34.81 -31.82 24.56
N TYR D 127 34.16 -32.32 23.52
CA TYR D 127 34.55 -33.62 22.98
C TYR D 127 35.20 -33.51 21.61
N PRO D 128 36.27 -34.28 21.40
CA PRO D 128 37.03 -34.33 20.15
C PRO D 128 36.27 -35.14 19.10
N LEU D 129 36.05 -34.55 17.93
CA LEU D 129 35.35 -35.24 16.86
C LEU D 129 36.31 -35.69 15.77
N ALA D 130 36.89 -36.87 15.96
CA ALA D 130 37.81 -37.42 14.97
C ALA D 130 37.03 -38.37 14.07
N PRO D 131 37.44 -38.48 12.80
CA PRO D 131 36.73 -39.38 11.88
C PRO D 131 36.67 -40.79 12.44
N GLY D 132 35.51 -41.44 12.27
CA GLY D 132 35.35 -42.79 12.78
C GLY D 132 36.21 -43.79 12.03
N SER D 133 36.72 -44.78 12.76
CA SER D 133 37.57 -45.79 12.14
C SER D 133 36.98 -46.30 10.84
N ALA D 134 37.38 -45.64 9.76
CA ALA D 134 36.93 -46.05 8.46
C ALA D 134 37.43 -45.26 7.27
N ALA D 135 36.50 -45.28 6.32
CA ALA D 135 36.50 -44.73 4.98
C ALA D 135 37.70 -44.21 4.32
N GLN D 136 38.41 -45.07 3.60
CA GLN D 136 39.50 -44.38 3.04
C GLN D 136 39.59 -43.93 1.65
N THR D 137 40.29 -42.87 1.96
CA THR D 137 40.86 -41.75 1.35
C THR D 137 39.99 -40.76 0.68
N ASN D 138 40.11 -39.62 1.35
CA ASN D 138 39.57 -38.33 1.00
C ASN D 138 40.89 -37.58 0.91
N SER D 139 40.89 -36.55 0.08
CA SER D 139 42.02 -35.67 -0.15
C SER D 139 42.15 -34.80 1.10
N MET D 140 40.99 -34.31 1.48
CA MET D 140 40.76 -33.43 2.62
C MET D 140 40.21 -34.27 3.76
N VAL D 141 40.51 -33.88 4.99
CA VAL D 141 39.96 -34.60 6.12
C VAL D 141 39.28 -33.59 7.05
N THR D 142 38.06 -33.90 7.45
CA THR D 142 37.31 -33.02 8.32
C THR D 142 37.29 -33.46 9.76
N LEU D 143 37.79 -32.59 10.64
CA LEU D 143 37.81 -32.86 12.07
C LEU D 143 36.75 -31.99 12.67
N GLY D 144 36.49 -32.18 13.96
CA GLY D 144 35.48 -31.38 14.61
C GLY D 144 35.63 -31.30 16.10
N CYS D 145 34.79 -30.47 16.71
CA CYS D 145 34.83 -30.28 18.14
C CYS D 145 33.38 -30.10 18.60
N LEU D 146 33.01 -30.80 19.67
CA LEU D 146 31.66 -30.69 20.19
C LEU D 146 31.72 -30.09 21.60
N VAL D 147 31.14 -28.90 21.73
CA VAL D 147 31.11 -28.16 22.99
C VAL D 147 29.71 -28.22 23.55
N LYS D 148 29.49 -29.04 24.57
CA LYS D 148 28.13 -29.19 25.08
C LYS D 148 27.82 -28.99 26.56
N GLY D 149 26.56 -28.64 26.82
CA GLY D 149 26.06 -28.45 28.16
C GLY D 149 26.66 -27.34 28.98
N TYR D 150 26.69 -26.14 28.42
CA TYR D 150 27.26 -25.02 29.13
C TYR D 150 26.26 -23.89 29.20
N PHE D 151 26.53 -22.94 30.09
CA PHE D 151 25.70 -21.76 30.26
C PHE D 151 26.46 -20.72 31.09
N PRO D 152 26.36 -19.45 30.72
CA PRO D 152 25.60 -18.93 29.58
C PRO D 152 26.56 -18.74 28.41
N GLU D 153 26.08 -18.09 27.37
CA GLU D 153 26.93 -17.80 26.23
C GLU D 153 27.82 -16.65 26.71
N PRO D 154 28.97 -16.46 26.06
CA PRO D 154 29.40 -17.28 24.93
C PRO D 154 30.57 -18.16 25.28
N VAL D 155 31.08 -18.81 24.24
CA VAL D 155 32.27 -19.65 24.32
C VAL D 155 32.97 -19.22 23.04
N THR D 156 34.29 -19.16 23.04
CA THR D 156 35.00 -18.79 21.84
C THR D 156 35.81 -20.02 21.48
N VAL D 157 35.69 -20.44 20.22
CA VAL D 157 36.39 -21.62 19.74
C VAL D 157 37.44 -21.22 18.71
N THR D 158 38.63 -21.79 18.84
CA THR D 158 39.69 -21.55 17.87
C THR D 158 40.39 -22.87 17.65
N TRP D 159 41.18 -22.94 16.59
CA TRP D 159 41.94 -24.15 16.28
C TRP D 159 43.41 -23.78 16.27
N ASN D 160 44.22 -24.60 16.93
CA ASN D 160 45.65 -24.36 17.06
C ASN D 160 45.87 -22.92 17.46
N SER D 161 45.32 -22.57 18.61
CA SER D 161 45.42 -21.23 19.19
C SER D 161 45.08 -20.09 18.23
N GLY D 162 44.54 -20.43 17.05
CA GLY D 162 44.18 -19.41 16.09
C GLY D 162 44.94 -19.49 14.78
N SER D 163 46.04 -20.25 14.77
CA SER D 163 46.86 -20.38 13.58
C SER D 163 46.11 -21.09 12.45
N LEU D 164 45.08 -21.85 12.83
CA LEU D 164 44.29 -22.57 11.85
C LEU D 164 42.96 -21.86 11.69
N SER D 165 42.93 -20.77 10.93
CA SER D 165 41.70 -20.02 10.74
C SER D 165 40.83 -20.39 9.54
N SER D 166 41.45 -20.85 8.46
CA SER D 166 40.68 -21.21 7.27
C SER D 166 40.12 -22.62 7.33
N GLY D 167 39.00 -22.84 6.63
CA GLY D 167 38.37 -24.14 6.59
C GLY D 167 37.55 -24.43 7.84
N VAL D 168 37.46 -23.43 8.71
CA VAL D 168 36.74 -23.56 9.95
C VAL D 168 35.27 -23.18 9.85
N HIS D 169 34.42 -23.96 10.52
CA HIS D 169 33.00 -23.67 10.57
C HIS D 169 32.58 -23.84 12.02
N THR D 170 32.44 -22.73 12.72
CA THR D 170 32.02 -22.76 14.11
C THR D 170 30.58 -22.32 14.09
N PHE D 171 29.69 -23.20 14.51
CA PHE D 171 28.25 -22.93 14.47
C PHE D 171 27.64 -22.25 15.67
N PRO D 172 26.60 -21.43 15.43
CA PRO D 172 25.91 -20.71 16.50
C PRO D 172 25.43 -21.70 17.54
N ALA D 173 25.46 -21.33 18.82
CA ALA D 173 25.02 -22.24 19.86
C ALA D 173 23.50 -22.37 19.88
N VAL D 174 23.01 -23.51 20.33
CA VAL D 174 21.59 -23.76 20.40
C VAL D 174 21.20 -24.04 21.84
N LEU D 175 20.16 -23.34 22.32
CA LEU D 175 19.71 -23.49 23.69
C LEU D 175 18.63 -24.55 23.87
N GLN D 176 18.87 -25.46 24.80
CA GLN D 176 17.93 -26.52 25.10
C GLN D 176 18.02 -26.94 26.58
N SER D 177 16.97 -26.65 27.33
CA SER D 177 16.94 -26.99 28.75
C SER D 177 17.97 -26.23 29.57
N ASP D 178 18.00 -24.91 29.41
CA ASP D 178 18.95 -24.09 30.14
C ASP D 178 20.42 -24.46 29.82
N LEU D 179 20.62 -25.35 28.86
CA LEU D 179 21.98 -25.72 28.51
C LEU D 179 22.25 -25.54 27.02
N TYR D 180 23.42 -25.00 26.73
CA TYR D 180 23.81 -24.75 25.35
C TYR D 180 24.67 -25.85 24.74
N THR D 181 24.63 -25.91 23.42
CA THR D 181 25.44 -26.85 22.65
C THR D 181 25.92 -26.12 21.40
N LEU D 182 27.22 -26.17 21.17
CA LEU D 182 27.78 -25.52 20.01
C LEU D 182 28.70 -26.52 19.32
N SER D 183 28.99 -26.29 18.05
CA SER D 183 29.84 -27.21 17.33
C SER D 183 30.78 -26.47 16.40
N SER D 184 31.91 -27.09 16.12
CA SER D 184 32.88 -26.45 15.25
C SER D 184 33.66 -27.47 14.42
N SER D 185 33.83 -27.18 13.14
CA SER D 185 34.58 -28.09 12.29
C SER D 185 35.73 -27.41 11.56
N VAL D 186 36.77 -28.20 11.30
CA VAL D 186 37.93 -27.74 10.59
C VAL D 186 38.25 -28.79 9.57
N THR D 187 38.48 -28.37 8.34
CA THR D 187 38.84 -29.33 7.31
C THR D 187 40.26 -29.01 6.89
N VAL D 188 41.14 -29.99 7.03
CA VAL D 188 42.54 -29.79 6.65
C VAL D 188 43.04 -30.91 5.75
N PRO D 189 44.14 -30.66 5.02
CA PRO D 189 44.68 -31.68 4.13
C PRO D 189 45.19 -32.90 4.90
N SER D 190 44.80 -34.08 4.44
CA SER D 190 45.18 -35.36 5.06
C SER D 190 46.66 -35.51 5.41
N SER D 191 47.53 -34.91 4.61
CA SER D 191 48.96 -35.03 4.86
C SER D 191 49.40 -34.27 6.10
N THR D 192 48.50 -33.44 6.64
CA THR D 192 48.82 -32.63 7.82
C THR D 192 48.29 -33.17 9.14
N TRP D 193 47.40 -34.16 9.08
CA TRP D 193 46.82 -34.77 10.28
C TRP D 193 46.56 -36.22 9.88
N PRO D 194 46.91 -37.19 10.77
CA PRO D 194 47.58 -37.08 12.08
C PRO D 194 49.01 -36.55 12.11
N SER D 195 49.59 -36.29 10.95
CA SER D 195 50.97 -35.79 10.86
C SER D 195 51.23 -34.71 11.90
N GLU D 196 50.63 -33.54 11.72
CA GLU D 196 50.79 -32.45 12.67
C GLU D 196 49.59 -32.49 13.63
N THR D 197 49.75 -31.91 14.81
CA THR D 197 48.67 -31.92 15.78
C THR D 197 47.65 -30.81 15.56
N VAL D 198 46.37 -31.18 15.61
CA VAL D 198 45.27 -30.24 15.43
C VAL D 198 44.54 -30.17 16.78
N THR D 199 44.44 -28.96 17.32
CA THR D 199 43.81 -28.79 18.62
C THR D 199 42.73 -27.75 18.68
N CYS D 200 41.65 -28.14 19.33
CA CYS D 200 40.47 -27.32 19.53
C CYS D 200 40.62 -26.52 20.83
N ASN D 201 40.52 -25.20 20.76
CA ASN D 201 40.65 -24.37 21.95
C ASN D 201 39.32 -23.69 22.23
N VAL D 202 38.71 -24.00 23.36
CA VAL D 202 37.45 -23.37 23.70
C VAL D 202 37.55 -22.67 25.04
N ALA D 203 37.03 -21.45 25.10
CA ALA D 203 37.07 -20.69 26.34
C ALA D 203 35.65 -20.36 26.74
N HIS D 204 35.38 -20.41 28.05
CA HIS D 204 34.06 -20.08 28.55
C HIS D 204 34.16 -19.09 29.72
N PRO D 205 34.23 -17.79 29.42
CA PRO D 205 34.35 -16.70 30.40
C PRO D 205 33.57 -16.85 31.70
N ALA D 206 32.27 -17.07 31.60
CA ALA D 206 31.41 -17.20 32.78
C ALA D 206 31.94 -18.17 33.82
N SER D 207 32.55 -19.27 33.39
CA SER D 207 33.06 -20.26 34.33
C SER D 207 34.57 -20.19 34.44
N SER D 208 35.17 -19.23 33.73
CA SER D 208 36.62 -19.06 33.74
C SER D 208 37.34 -20.36 33.41
N THR D 209 36.98 -20.96 32.27
CA THR D 209 37.62 -22.20 31.88
C THR D 209 38.07 -22.23 30.43
N LYS D 210 39.21 -22.86 30.20
CA LYS D 210 39.77 -23.03 28.86
C LYS D 210 40.10 -24.51 28.73
N VAL D 211 39.68 -25.12 27.64
CA VAL D 211 39.95 -26.53 27.40
C VAL D 211 40.61 -26.68 26.04
N ASP D 212 41.78 -27.30 26.01
CA ASP D 212 42.48 -27.50 24.74
C ASP D 212 42.47 -28.97 24.36
N LYS D 213 41.39 -29.40 23.70
CA LYS D 213 41.29 -30.79 23.28
C LYS D 213 42.01 -31.05 21.98
N LYS D 214 42.96 -31.97 22.06
CA LYS D 214 43.74 -32.37 20.90
C LYS D 214 42.94 -33.48 20.23
N ILE D 215 42.81 -33.39 18.91
CA ILE D 215 42.07 -34.40 18.17
C ILE D 215 43.04 -35.54 17.84
N VAL D 216 42.72 -36.75 18.28
CA VAL D 216 43.58 -37.90 18.04
C VAL D 216 42.80 -39.00 17.28
N PRO D 217 43.44 -39.62 16.28
CA PRO D 217 42.75 -40.67 15.50
C PRO D 217 42.20 -41.76 16.39
N ARG D 218 41.04 -42.31 16.04
CA ARG D 218 40.44 -43.36 16.85
C ARG D 218 41.19 -44.69 16.76
N LYS E 10 1.42 5.06 13.59
CA LYS E 10 0.37 4.85 14.62
C LYS E 10 0.28 3.41 15.15
N THR E 11 0.81 2.49 14.33
CA THR E 11 0.94 1.01 14.44
C THR E 11 0.08 0.01 15.24
N PRO E 12 -0.95 -0.57 14.58
CA PRO E 12 -1.85 -1.55 15.18
C PRO E 12 -1.58 -2.28 16.47
N GLU E 13 -2.48 -2.12 17.43
CA GLU E 13 -2.31 -3.07 18.50
C GLU E 13 -3.56 -3.93 18.56
N GLU E 14 -4.19 -4.15 17.40
CA GLU E 14 -5.26 -5.13 17.28
C GLU E 14 -4.88 -5.90 16.04
N PRO E 15 -5.22 -5.41 14.81
CA PRO E 15 -4.68 -6.43 13.94
C PRO E 15 -3.75 -6.21 12.74
N LYS E 16 -2.95 -7.25 12.79
CA LYS E 16 -1.85 -7.90 12.14
C LYS E 16 -0.81 -7.81 11.08
N GLU E 17 -0.36 -9.05 10.90
CA GLU E 17 0.60 -9.61 9.99
C GLU E 17 1.87 -8.97 9.55
N GLU E 18 2.98 -9.60 9.95
CA GLU E 18 4.31 -9.07 9.44
C GLU E 18 4.62 -9.89 8.25
N VAL E 19 4.25 -9.43 7.01
CA VAL E 19 4.45 -10.29 5.91
C VAL E 19 5.82 -10.10 5.33
N THR E 20 6.12 -11.00 4.42
CA THR E 20 7.38 -10.96 3.72
C THR E 20 7.12 -11.10 2.21
N ILE E 21 7.42 -10.04 1.46
CA ILE E 21 7.24 -10.07 0.00
C ILE E 21 8.55 -10.43 -0.69
N LYS E 22 8.60 -11.59 -1.34
CA LYS E 22 9.81 -12.01 -2.04
C LYS E 22 9.80 -11.52 -3.48
N VAL E 23 10.88 -10.86 -3.88
CA VAL E 23 10.97 -10.28 -5.22
C VAL E 23 12.15 -10.69 -6.05
N ASN E 24 11.92 -10.89 -7.35
CA ASN E 24 12.97 -11.21 -8.31
C ASN E 24 13.17 -9.94 -9.13
N LEU E 25 14.41 -9.47 -9.21
CA LEU E 25 14.69 -8.26 -9.97
C LEU E 25 15.41 -8.67 -11.24
N ILE E 26 14.67 -8.63 -12.35
CA ILE E 26 15.20 -9.02 -13.65
C ILE E 26 15.57 -7.79 -14.47
N PHE E 27 16.84 -7.70 -14.85
CA PHE E 27 17.30 -6.55 -15.64
C PHE E 27 17.44 -6.88 -17.13
N ALA E 28 17.36 -5.85 -17.97
CA ALA E 28 17.45 -6.05 -19.40
C ALA E 28 18.71 -6.83 -19.82
N ASP E 29 19.85 -6.49 -19.23
CA ASP E 29 21.09 -7.17 -19.58
C ASP E 29 21.13 -8.64 -19.19
N GLY E 30 20.08 -9.12 -18.53
CA GLY E 30 20.03 -10.52 -18.14
C GLY E 30 20.35 -10.87 -16.69
N LYS E 31 20.92 -9.94 -15.93
CA LYS E 31 21.25 -10.22 -14.54
C LYS E 31 20.01 -10.26 -13.66
N ILE E 32 20.03 -11.15 -12.66
CA ILE E 32 18.92 -11.29 -11.74
C ILE E 32 19.34 -11.09 -10.29
N GLN E 33 18.64 -10.23 -9.57
CA GLN E 33 18.94 -10.03 -8.16
C GLN E 33 17.70 -10.42 -7.37
N THR E 34 17.87 -10.76 -6.11
CA THR E 34 16.74 -11.13 -5.26
C THR E 34 16.63 -10.17 -4.10
N ALA E 35 15.41 -9.86 -3.72
CA ALA E 35 15.19 -8.96 -2.61
C ALA E 35 13.99 -9.37 -1.77
N GLU E 36 13.96 -8.87 -0.54
CA GLU E 36 12.86 -9.16 0.36
C GLU E 36 12.42 -7.87 1.03
N PHE E 37 11.14 -7.77 1.34
CA PHE E 37 10.58 -6.62 2.02
C PHE E 37 9.70 -7.14 3.13
N LYS E 38 9.96 -6.70 4.36
CA LYS E 38 9.18 -7.15 5.50
C LYS E 38 8.24 -6.05 5.99
N GLY E 39 7.17 -6.43 6.67
CA GLY E 39 6.23 -5.45 7.18
C GLY E 39 4.80 -5.86 6.95
N THR E 40 3.88 -4.91 7.07
CA THR E 40 2.47 -5.22 6.84
C THR E 40 2.37 -5.36 5.33
N PHE E 41 1.35 -6.08 4.86
CA PHE E 41 1.20 -6.29 3.43
C PHE E 41 1.15 -4.97 2.66
N GLU E 42 0.51 -3.96 3.22
CA GLU E 42 0.43 -2.67 2.53
C GLU E 42 1.80 -2.01 2.44
N GLU E 43 2.54 -2.03 3.56
CA GLU E 43 3.88 -1.43 3.65
C GLU E 43 4.87 -2.05 2.67
N ALA E 44 5.08 -3.35 2.83
CA ALA E 44 6.00 -4.11 1.99
C ALA E 44 5.75 -3.92 0.49
N THR E 45 4.50 -3.97 0.07
CA THR E 45 4.18 -3.79 -1.34
C THR E 45 4.61 -2.40 -1.79
N ALA E 46 4.33 -1.40 -0.96
CA ALA E 46 4.71 -0.02 -1.27
C ALA E 46 6.23 0.12 -1.34
N GLU E 47 6.93 -0.73 -0.60
CA GLU E 47 8.39 -0.74 -0.57
C GLU E 47 8.93 -1.20 -1.92
N ALA E 48 8.53 -2.41 -2.30
CA ALA E 48 8.97 -3.01 -3.54
C ALA E 48 8.76 -2.02 -4.66
N TYR E 49 7.59 -1.42 -4.70
CA TYR E 49 7.28 -0.46 -5.75
C TYR E 49 8.25 0.72 -5.76
N ARG E 50 8.46 1.36 -4.61
CA ARG E 50 9.38 2.50 -4.55
C ARG E 50 10.76 2.04 -4.98
N TYR E 51 11.21 0.91 -4.44
CA TYR E 51 12.52 0.37 -4.78
C TYR E 51 12.58 0.19 -6.28
N ALA E 52 11.51 -0.35 -6.87
CA ALA E 52 11.47 -0.55 -8.31
C ALA E 52 11.65 0.81 -8.98
N ASP E 53 10.87 1.80 -8.55
CA ASP E 53 11.00 3.14 -9.12
C ASP E 53 12.46 3.60 -8.95
N LEU E 54 13.00 3.40 -7.76
CA LEU E 54 14.36 3.80 -7.46
C LEU E 54 15.35 3.15 -8.42
N LEU E 55 15.15 1.86 -8.67
CA LEU E 55 16.04 1.12 -9.57
C LEU E 55 15.78 1.45 -11.03
N ALA E 56 14.56 1.88 -11.32
CA ALA E 56 14.19 2.21 -12.69
C ALA E 56 14.89 3.48 -13.16
N LYS E 57 15.35 4.30 -12.21
CA LYS E 57 16.04 5.53 -12.53
C LYS E 57 17.27 5.26 -13.38
N VAL E 58 17.83 4.05 -13.29
CA VAL E 58 19.00 3.70 -14.08
C VAL E 58 18.81 2.48 -14.98
N ASN E 59 17.97 1.55 -14.57
CA ASN E 59 17.77 0.35 -15.36
C ASN E 59 16.52 0.36 -16.23
N GLY E 60 15.80 1.49 -16.25
CA GLY E 60 14.62 1.59 -17.09
C GLY E 60 13.28 1.39 -16.41
N GLU E 61 12.21 1.61 -17.17
CA GLU E 61 10.84 1.46 -16.70
C GLU E 61 10.60 0.01 -16.32
N TRP E 62 9.82 -0.21 -15.26
CA TRP E 62 9.55 -1.58 -14.83
C TRP E 62 8.11 -2.01 -14.97
N THR E 63 7.93 -3.31 -15.09
CA THR E 63 6.62 -3.94 -15.19
C THR E 63 6.71 -5.13 -14.22
N ALA E 64 5.59 -5.70 -13.81
CA ALA E 64 5.64 -6.78 -12.84
C ALA E 64 4.60 -7.87 -12.98
N ASP E 65 4.87 -9.00 -12.33
CA ASP E 65 3.98 -10.14 -12.33
C ASP E 65 3.74 -10.56 -10.90
N LEU E 66 2.51 -10.42 -10.43
CA LEU E 66 2.17 -10.80 -9.06
C LEU E 66 1.70 -12.24 -8.97
N GLU E 67 1.76 -12.79 -7.76
CA GLU E 67 1.31 -14.15 -7.52
C GLU E 67 1.39 -14.44 -6.04
N ASP E 68 0.75 -15.53 -5.60
CA ASP E 68 0.71 -15.88 -4.20
C ASP E 68 0.04 -14.73 -3.44
N GLY E 69 -1.02 -14.20 -4.05
CA GLY E 69 -1.75 -13.11 -3.44
C GLY E 69 -0.99 -11.81 -3.45
N GLY E 70 0.16 -11.80 -4.12
CA GLY E 70 0.98 -10.61 -4.19
C GLY E 70 2.19 -10.74 -3.28
N ASN E 71 2.41 -11.95 -2.80
CA ASN E 71 3.54 -12.26 -1.93
C ASN E 71 4.79 -12.68 -2.70
N CYS E 72 4.75 -12.46 -4.01
CA CYS E 72 5.87 -12.82 -4.87
C CYS E 72 5.79 -11.89 -6.08
N MET E 73 6.88 -11.19 -6.38
CA MET E 73 6.92 -10.28 -7.52
C MET E 73 8.03 -10.57 -8.50
N ASN E 74 7.73 -10.46 -9.79
CA ASN E 74 8.72 -10.64 -10.84
C ASN E 74 8.82 -9.28 -11.50
N ILE E 75 9.77 -8.47 -11.06
CA ILE E 75 9.95 -7.14 -11.60
C ILE E 75 11.01 -7.14 -12.71
N LYS E 76 10.59 -6.74 -13.91
CA LYS E 76 11.47 -6.69 -15.07
C LYS E 76 11.74 -5.24 -15.40
N PHE E 77 13.00 -4.89 -15.65
CA PHE E 77 13.34 -3.52 -16.01
C PHE E 77 13.66 -3.44 -17.49
N ALA E 78 12.91 -2.61 -18.21
CA ALA E 78 13.09 -2.44 -19.65
C ALA E 78 14.53 -2.14 -20.07
N GLY E 79 15.32 -1.58 -19.16
CA GLY E 79 16.70 -1.28 -19.49
C GLY E 79 16.87 0.05 -20.22
N LYS E 80 18.10 0.31 -20.64
CA LYS E 80 18.44 1.55 -21.36
C LYS E 80 18.39 2.78 -20.44
N ASP F 1 -14.09 11.01 13.87
CA ASP F 1 -14.56 11.04 12.45
C ASP F 1 -14.25 9.74 11.72
N ILE F 2 -15.03 8.71 11.97
CA ILE F 2 -14.83 7.42 11.33
C ILE F 2 -14.76 7.61 9.81
N VAL F 3 -13.75 7.00 9.18
CA VAL F 3 -13.60 7.13 7.73
C VAL F 3 -14.11 5.92 6.96
N MET F 4 -14.78 6.19 5.85
CA MET F 4 -15.33 5.13 5.01
C MET F 4 -14.60 5.11 3.69
N SER F 5 -13.94 4.00 3.43
CA SER F 5 -13.22 3.82 2.17
C SER F 5 -14.08 2.91 1.32
N GLN F 6 -14.43 3.40 0.13
CA GLN F 6 -15.25 2.61 -0.78
C GLN F 6 -14.39 2.22 -1.97
N SER F 7 -14.61 1.03 -2.48
CA SER F 7 -13.84 0.57 -3.63
C SER F 7 -14.51 -0.61 -4.28
N PRO F 8 -14.37 -0.73 -5.61
CA PRO F 8 -13.61 0.22 -6.42
C PRO F 8 -14.39 1.53 -6.55
N SER F 9 -13.76 2.57 -7.07
CA SER F 9 -14.45 3.84 -7.22
C SER F 9 -15.31 3.81 -8.47
N SER F 10 -14.99 2.89 -9.37
CA SER F 10 -15.71 2.75 -10.61
C SER F 10 -15.68 1.29 -11.08
N LEU F 11 -16.80 0.82 -11.62
CA LEU F 11 -16.90 -0.56 -12.10
C LEU F 11 -17.72 -0.72 -13.37
N ALA F 12 -17.16 -1.43 -14.35
CA ALA F 12 -17.87 -1.69 -15.60
C ALA F 12 -18.06 -3.21 -15.70
N VAL F 13 -19.31 -3.65 -15.60
CA VAL F 13 -19.66 -5.07 -15.66
C VAL F 13 -20.73 -5.28 -16.72
N SER F 14 -20.94 -6.53 -17.15
CA SER F 14 -21.95 -6.83 -18.16
C SER F 14 -23.28 -7.31 -17.56
N ALA F 15 -24.36 -7.19 -18.33
CA ALA F 15 -25.67 -7.63 -17.85
C ALA F 15 -25.67 -9.09 -17.43
N GLY F 16 -26.22 -9.34 -16.25
CA GLY F 16 -26.30 -10.70 -15.73
C GLY F 16 -25.20 -11.09 -14.78
N GLU F 17 -24.02 -10.50 -14.96
CA GLU F 17 -22.90 -10.83 -14.10
C GLU F 17 -23.14 -10.40 -12.66
N LYS F 18 -22.35 -10.97 -11.75
CA LYS F 18 -22.43 -10.65 -10.34
C LYS F 18 -21.48 -9.50 -10.08
N VAL F 19 -21.92 -8.49 -9.33
CA VAL F 19 -21.07 -7.35 -9.03
C VAL F 19 -20.87 -7.20 -7.53
N THR F 20 -19.63 -6.90 -7.13
CA THR F 20 -19.26 -6.74 -5.73
C THR F 20 -18.62 -5.38 -5.48
N MET F 21 -19.07 -4.71 -4.43
CA MET F 21 -18.54 -3.41 -4.06
C MET F 21 -18.10 -3.44 -2.60
N SER F 22 -16.94 -2.85 -2.32
CA SER F 22 -16.41 -2.84 -0.96
C SER F 22 -16.56 -1.50 -0.26
N CYS F 23 -16.60 -1.56 1.06
CA CYS F 23 -16.71 -0.37 1.90
C CYS F 23 -16.18 -0.80 3.23
N LYS F 24 -15.08 -0.20 3.66
CA LYS F 24 -14.52 -0.56 4.95
C LYS F 24 -14.31 0.69 5.78
N SER F 25 -14.82 0.65 7.01
CA SER F 25 -14.68 1.77 7.91
C SER F 25 -13.32 1.64 8.58
N SER F 26 -12.83 2.75 9.14
CA SER F 26 -11.55 2.75 9.82
C SER F 26 -11.75 2.48 11.31
N GLN F 27 -12.97 2.09 11.66
CA GLN F 27 -13.30 1.83 13.05
C GLN F 27 -14.61 1.04 13.10
N SER F 28 -14.60 -0.06 13.84
CA SER F 28 -15.78 -0.90 13.95
C SER F 28 -17.10 -0.13 13.99
N LEU F 29 -18.17 -0.73 13.47
CA LEU F 29 -19.50 -0.13 13.45
C LEU F 29 -20.28 -1.07 14.36
N LEU F 30 -19.42 -1.61 15.22
CA LEU F 30 -19.57 -2.58 16.29
C LEU F 30 -20.65 -2.73 17.31
N ASN F 31 -21.12 -1.59 17.82
CA ASN F 31 -21.99 -1.57 18.98
C ASN F 31 -22.47 -2.88 19.56
N SER F 32 -21.46 -3.33 20.29
CA SER F 32 -21.41 -4.51 21.07
C SER F 32 -22.69 -4.70 21.82
N ARG F 33 -23.24 -3.71 22.47
CA ARG F 33 -24.39 -4.28 23.09
C ARG F 33 -25.73 -4.28 22.31
N THR F 34 -25.98 -3.33 21.40
CA THR F 34 -27.19 -3.36 20.52
C THR F 34 -27.03 -4.58 19.57
N ARG F 35 -25.76 -4.79 19.20
CA ARG F 35 -25.21 -5.87 18.37
C ARG F 35 -25.23 -5.72 16.87
N LYS F 36 -25.86 -4.66 16.40
CA LYS F 36 -26.01 -4.39 14.99
C LYS F 36 -24.89 -3.49 14.44
N ASN F 37 -24.75 -3.49 13.11
CA ASN F 37 -23.77 -2.67 12.42
C ASN F 37 -24.57 -1.57 11.73
N TYR F 38 -24.25 -0.32 12.05
CA TYR F 38 -24.97 0.80 11.48
C TYR F 38 -24.32 1.30 10.19
N LEU F 39 -24.47 0.49 9.15
CA LEU F 39 -23.94 0.78 7.84
C LEU F 39 -25.12 0.71 6.90
N ALA F 40 -25.22 1.66 5.98
CA ALA F 40 -26.33 1.67 5.04
C ALA F 40 -25.83 1.93 3.63
N TRP F 41 -26.50 1.37 2.62
CA TRP F 41 -26.09 1.56 1.25
C TRP F 41 -27.15 2.34 0.49
N TYR F 42 -26.71 3.33 -0.29
CA TYR F 42 -27.66 4.13 -1.05
C TYR F 42 -27.33 4.12 -2.54
N GLN F 43 -28.38 4.21 -3.35
CA GLN F 43 -28.24 4.21 -4.79
C GLN F 43 -28.62 5.57 -5.36
N GLN F 44 -27.79 6.11 -6.24
CA GLN F 44 -28.12 7.40 -6.85
C GLN F 44 -27.96 7.45 -8.36
N LYS F 45 -29.09 7.41 -9.05
CA LYS F 45 -29.09 7.46 -10.49
C LYS F 45 -28.94 8.94 -10.84
N PRO F 46 -28.43 9.24 -12.03
CA PRO F 46 -28.21 10.61 -12.53
C PRO F 46 -28.87 11.80 -11.82
N GLY F 47 -29.74 12.51 -12.52
CA GLY F 47 -30.36 13.68 -11.93
C GLY F 47 -31.39 13.40 -10.86
N GLN F 48 -31.07 12.50 -9.94
CA GLN F 48 -31.99 12.15 -8.86
C GLN F 48 -31.37 12.26 -7.49
N SER F 49 -32.19 12.07 -6.48
CA SER F 49 -31.73 12.13 -5.11
C SER F 49 -31.49 10.71 -4.62
N PRO F 50 -30.56 10.53 -3.69
CA PRO F 50 -30.26 9.19 -3.16
C PRO F 50 -31.51 8.44 -2.75
N LYS F 51 -31.33 7.15 -2.43
CA LYS F 51 -32.46 6.29 -2.06
C LYS F 51 -31.91 4.98 -1.48
N VAL F 52 -32.15 4.74 -0.19
CA VAL F 52 -31.65 3.53 0.48
C VAL F 52 -31.98 2.22 -0.20
N LEU F 53 -31.01 1.32 -0.15
CA LEU F 53 -31.16 0.00 -0.72
C LEU F 53 -31.21 -0.95 0.45
N ILE F 54 -30.28 -0.76 1.39
CA ILE F 54 -30.22 -1.60 2.57
C ILE F 54 -29.67 -0.80 3.76
N TYR F 55 -29.97 -1.30 4.96
CA TYR F 55 -29.50 -0.69 6.20
C TYR F 55 -29.14 -1.78 7.20
N TRP F 56 -28.61 -1.38 8.35
CA TRP F 56 -28.20 -2.33 9.37
C TRP F 56 -27.20 -3.30 8.76
N ALA F 57 -26.69 -2.92 7.60
CA ALA F 57 -25.73 -3.70 6.84
C ALA F 57 -26.35 -4.86 6.07
N SER F 58 -27.42 -5.44 6.59
CA SER F 58 -28.06 -6.58 5.94
C SER F 58 -29.50 -6.35 5.49
N THR F 59 -30.32 -5.81 6.38
CA THR F 59 -31.73 -5.60 6.07
C THR F 59 -31.93 -4.88 4.76
N ARG F 60 -32.79 -5.43 3.91
CA ARG F 60 -33.07 -4.82 2.62
C ARG F 60 -34.32 -3.98 2.69
N GLU F 61 -34.15 -2.66 2.74
CA GLU F 61 -35.27 -1.74 2.79
C GLU F 61 -36.37 -2.24 1.85
N SER F 62 -37.59 -2.36 2.39
CA SER F 62 -38.71 -2.82 1.60
C SER F 62 -38.73 -2.15 0.22
N GLY F 63 -39.17 -2.89 -0.78
CA GLY F 63 -39.24 -2.35 -2.13
C GLY F 63 -38.08 -2.73 -3.02
N VAL F 64 -36.91 -2.88 -2.42
CA VAL F 64 -35.70 -3.22 -3.15
C VAL F 64 -35.63 -4.68 -3.63
N PRO F 65 -35.31 -4.89 -4.92
CA PRO F 65 -35.21 -6.26 -5.46
C PRO F 65 -34.28 -7.07 -4.57
N ASP F 66 -34.41 -8.40 -4.60
CA ASP F 66 -33.55 -9.23 -3.76
C ASP F 66 -32.17 -9.46 -4.35
N ARG F 67 -31.96 -9.04 -5.60
CA ARG F 67 -30.66 -9.21 -6.24
C ARG F 67 -29.62 -8.40 -5.49
N PHE F 68 -30.08 -7.41 -4.74
CA PHE F 68 -29.20 -6.57 -3.92
C PHE F 68 -29.04 -7.28 -2.57
N THR F 69 -27.81 -7.43 -2.12
CA THR F 69 -27.56 -8.10 -0.85
C THR F 69 -26.48 -7.41 -0.03
N GLY F 70 -26.80 -7.11 1.22
CA GLY F 70 -25.84 -6.48 2.09
C GLY F 70 -25.13 -7.56 2.87
N ARG F 71 -23.84 -7.36 3.14
CA ARG F 71 -23.08 -8.34 3.88
C ARG F 71 -21.89 -7.69 4.56
N GLY F 72 -21.28 -8.43 5.47
CA GLY F 72 -20.14 -7.91 6.21
C GLY F 72 -20.60 -7.57 7.62
N SER F 73 -19.65 -7.36 8.51
CA SER F 73 -19.96 -7.02 9.88
C SER F 73 -18.70 -6.63 10.61
N GLY F 74 -18.65 -5.38 11.05
CA GLY F 74 -17.49 -4.88 11.75
C GLY F 74 -16.83 -3.75 10.99
N THR F 75 -15.60 -3.96 10.56
CA THR F 75 -14.86 -2.96 9.82
C THR F 75 -14.99 -3.10 8.30
N ASP F 76 -15.36 -4.29 7.84
CA ASP F 76 -15.48 -4.54 6.41
C ASP F 76 -16.88 -4.96 5.95
N PHE F 77 -17.37 -4.31 4.91
CA PHE F 77 -18.70 -4.59 4.37
C PHE F 77 -18.65 -4.72 2.84
N THR F 78 -19.70 -5.29 2.27
CA THR F 78 -19.77 -5.44 0.83
C THR F 78 -21.20 -5.36 0.33
N LEU F 79 -21.36 -4.85 -0.89
CA LEU F 79 -22.66 -4.73 -1.50
C LEU F 79 -22.56 -5.63 -2.72
N THR F 80 -23.44 -6.61 -2.80
CA THR F 80 -23.43 -7.57 -3.90
C THR F 80 -24.72 -7.50 -4.68
N ILE F 81 -24.62 -7.60 -6.00
CA ILE F 81 -25.79 -7.58 -6.87
C ILE F 81 -25.76 -8.86 -7.70
N SER F 82 -26.86 -9.60 -7.69
CA SER F 82 -26.96 -10.86 -8.44
C SER F 82 -26.79 -10.69 -9.94
N SER F 83 -27.88 -10.37 -10.62
CA SER F 83 -27.85 -10.20 -12.07
C SER F 83 -28.07 -8.74 -12.42
N VAL F 84 -27.00 -7.97 -12.42
CA VAL F 84 -27.07 -6.55 -12.75
C VAL F 84 -27.87 -6.34 -14.03
N GLN F 85 -28.64 -5.27 -14.07
CA GLN F 85 -29.46 -4.93 -15.22
C GLN F 85 -29.19 -3.47 -15.53
N ALA F 86 -29.51 -3.04 -16.75
CA ALA F 86 -29.28 -1.65 -17.12
C ALA F 86 -29.76 -0.70 -16.03
N GLU F 87 -31.00 -0.89 -15.59
CA GLU F 87 -31.61 -0.06 -14.55
C GLU F 87 -30.73 0.09 -13.32
N ASP F 88 -29.71 -0.75 -13.19
CA ASP F 88 -28.80 -0.69 -12.05
C ASP F 88 -27.66 0.32 -12.21
N GLN F 89 -27.57 0.96 -13.37
CA GLN F 89 -26.53 1.97 -13.61
C GLN F 89 -26.75 3.11 -12.62
N ALA F 90 -25.74 3.38 -11.80
CA ALA F 90 -25.83 4.43 -10.79
C ALA F 90 -24.53 4.59 -10.01
N VAL F 91 -24.62 5.22 -8.85
CA VAL F 91 -23.48 5.40 -7.99
C VAL F 91 -23.94 4.95 -6.61
N TYR F 92 -23.16 4.09 -5.99
CA TYR F 92 -23.53 3.57 -4.69
C TYR F 92 -22.65 4.11 -3.60
N TYR F 93 -23.27 4.72 -2.61
CA TYR F 93 -22.53 5.27 -1.48
C TYR F 93 -22.87 4.48 -0.22
N CYS F 94 -21.87 4.28 0.63
CA CYS F 94 -22.12 3.60 1.89
C CYS F 94 -22.02 4.69 2.95
N LYS F 95 -22.93 4.68 3.91
CA LYS F 95 -22.91 5.69 4.96
C LYS F 95 -22.85 5.02 6.31
N GLN F 96 -22.01 5.57 7.19
CA GLN F 96 -21.85 5.05 8.54
C GLN F 96 -22.68 5.87 9.51
N ALA F 97 -23.47 5.19 10.32
CA ALA F 97 -24.31 5.86 11.30
C ALA F 97 -24.08 5.26 12.69
N TYR F 98 -22.81 5.04 13.03
CA TYR F 98 -22.44 4.49 14.33
C TYR F 98 -22.12 5.63 15.30
N ILE F 99 -21.32 6.58 14.87
CA ILE F 99 -20.97 7.72 15.73
C ILE F 99 -20.83 8.99 14.89
N PRO F 100 -21.37 10.11 15.39
CA PRO F 100 -21.27 11.37 14.64
C PRO F 100 -19.82 11.79 14.49
N PRO F 101 -19.51 12.55 13.43
CA PRO F 101 -20.51 12.97 12.43
C PRO F 101 -20.75 11.84 11.42
N LEU F 102 -21.96 11.78 10.88
CA LEU F 102 -22.29 10.76 9.89
C LEU F 102 -21.37 10.92 8.69
N THR F 103 -20.85 9.81 8.18
CA THR F 103 -19.94 9.88 7.03
C THR F 103 -20.27 8.93 5.87
N PHE F 104 -20.12 9.45 4.66
CA PHE F 104 -20.35 8.70 3.43
C PHE F 104 -19.02 8.30 2.80
N GLY F 105 -19.06 7.25 1.99
CA GLY F 105 -17.86 6.84 1.29
C GLY F 105 -17.79 7.70 0.04
N ALA F 106 -16.67 7.67 -0.67
CA ALA F 106 -16.52 8.47 -1.88
C ALA F 106 -17.46 8.04 -3.00
N GLY F 107 -18.04 6.86 -2.87
CA GLY F 107 -18.95 6.35 -3.89
C GLY F 107 -18.35 5.44 -4.94
N THR F 108 -19.14 4.43 -5.34
CA THR F 108 -18.72 3.48 -6.37
C THR F 108 -19.66 3.71 -7.55
N LYS F 109 -19.10 4.03 -8.70
CA LYS F 109 -19.87 4.28 -9.91
C LYS F 109 -20.02 2.98 -10.71
N LEU F 110 -21.24 2.51 -10.89
CA LEU F 110 -21.47 1.28 -11.64
C LEU F 110 -21.93 1.54 -13.06
N GLU F 111 -21.13 1.08 -14.01
CA GLU F 111 -21.43 1.23 -15.43
C GLU F 111 -21.68 -0.15 -16.05
N LEU F 112 -22.28 -0.17 -17.23
CA LEU F 112 -22.56 -1.44 -17.90
C LEU F 112 -21.81 -1.55 -19.21
N LYS F 113 -21.43 -2.78 -19.53
CA LYS F 113 -20.75 -3.08 -20.78
C LYS F 113 -21.83 -3.76 -21.61
N ARG F 114 -21.71 -3.69 -22.94
CA ARG F 114 -22.69 -4.32 -23.79
C ARG F 114 -22.11 -4.48 -25.17
N ALA F 115 -22.95 -4.91 -26.11
CA ALA F 115 -22.49 -5.12 -27.48
C ALA F 115 -22.36 -3.75 -28.14
N ASP F 116 -21.36 -3.61 -29.00
CA ASP F 116 -21.18 -2.35 -29.71
C ASP F 116 -22.48 -2.11 -30.49
N ALA F 117 -22.66 -0.89 -30.98
CA ALA F 117 -23.87 -0.57 -31.73
C ALA F 117 -23.66 0.76 -32.44
N ALA F 118 -23.91 0.78 -33.75
CA ALA F 118 -23.74 1.98 -34.53
C ALA F 118 -24.78 3.05 -34.14
N PRO F 119 -24.40 4.33 -34.26
CA PRO F 119 -25.32 5.42 -33.93
C PRO F 119 -26.31 5.75 -35.01
N THR F 120 -27.51 6.15 -34.63
CA THR F 120 -28.52 6.57 -35.60
C THR F 120 -28.25 8.07 -35.69
N VAL F 121 -28.13 8.60 -36.90
CA VAL F 121 -27.83 10.01 -37.06
C VAL F 121 -28.90 10.83 -37.76
N SER F 122 -29.17 11.99 -37.18
CA SER F 122 -30.18 12.90 -37.73
C SER F 122 -29.62 14.31 -37.73
N ILE F 123 -29.79 15.02 -38.84
CA ILE F 123 -29.28 16.36 -38.88
C ILE F 123 -30.44 17.34 -38.97
N PHE F 124 -30.27 18.48 -38.30
CA PHE F 124 -31.34 19.47 -38.27
C PHE F 124 -30.91 20.86 -38.65
N PRO F 125 -31.56 21.43 -39.66
CA PRO F 125 -31.20 22.79 -40.07
C PRO F 125 -31.75 23.80 -39.05
N PRO F 126 -31.23 25.03 -39.08
CA PRO F 126 -31.66 26.08 -38.16
C PRO F 126 -33.15 26.29 -38.30
N SER F 127 -33.83 26.52 -37.19
CA SER F 127 -35.27 26.75 -37.25
C SER F 127 -35.55 28.15 -37.77
N SER F 128 -36.82 28.44 -38.05
CA SER F 128 -37.19 29.77 -38.52
C SER F 128 -37.02 30.73 -37.36
N GLU F 129 -37.59 30.37 -36.22
CA GLU F 129 -37.53 31.21 -35.04
C GLU F 129 -36.13 31.71 -34.76
N GLN F 130 -35.16 30.81 -34.78
CA GLN F 130 -33.80 31.24 -34.51
C GLN F 130 -33.32 32.18 -35.60
N LEU F 131 -33.62 31.87 -36.86
CA LEU F 131 -33.16 32.69 -37.97
C LEU F 131 -33.78 34.08 -37.93
N THR F 132 -34.81 34.23 -37.12
CA THR F 132 -35.48 35.51 -37.00
C THR F 132 -34.73 36.36 -35.96
N SER F 133 -33.70 35.77 -35.37
CA SER F 133 -32.88 36.46 -34.37
C SER F 133 -31.42 36.60 -34.80
N GLY F 134 -31.19 36.40 -36.10
CA GLY F 134 -29.83 36.53 -36.61
C GLY F 134 -28.92 35.43 -36.13
N GLY F 135 -29.50 34.36 -35.61
CA GLY F 135 -28.71 33.24 -35.14
C GLY F 135 -29.01 32.05 -36.04
N ALA F 136 -28.12 31.06 -36.07
CA ALA F 136 -28.35 29.89 -36.90
C ALA F 136 -27.53 28.72 -36.40
N SER F 137 -28.22 27.67 -35.96
CA SER F 137 -27.52 26.50 -35.46
C SER F 137 -27.96 25.24 -36.17
N VAL F 138 -26.99 24.40 -36.48
CA VAL F 138 -27.27 23.14 -37.14
C VAL F 138 -27.04 22.10 -36.06
N VAL F 139 -28.07 21.32 -35.76
CA VAL F 139 -27.95 20.30 -34.74
C VAL F 139 -27.81 18.95 -35.39
N CYS F 140 -27.06 18.07 -34.74
CA CYS F 140 -26.82 16.74 -35.24
C CYS F 140 -26.89 15.78 -34.05
N PHE F 141 -27.89 14.90 -34.08
CA PHE F 141 -28.06 13.90 -33.02
C PHE F 141 -27.46 12.57 -33.48
N LEU F 142 -26.68 11.94 -32.60
CA LEU F 142 -26.08 10.63 -32.86
C LEU F 142 -26.57 9.78 -31.69
N ASN F 143 -27.68 9.08 -31.89
CA ASN F 143 -28.28 8.30 -30.82
C ASN F 143 -28.03 6.80 -30.71
N ASN F 144 -28.06 6.33 -29.47
CA ASN F 144 -27.89 4.92 -29.10
C ASN F 144 -26.73 4.16 -29.71
N PHE F 145 -25.53 4.51 -29.25
CA PHE F 145 -24.34 3.84 -29.72
C PHE F 145 -23.55 3.39 -28.51
N TYR F 146 -22.52 2.59 -28.77
CA TYR F 146 -21.67 2.05 -27.69
C TYR F 146 -20.44 1.43 -28.35
N PRO F 147 -19.27 1.54 -27.70
CA PRO F 147 -18.90 2.33 -26.52
C PRO F 147 -19.08 3.83 -26.74
N LYS F 148 -19.00 4.63 -25.68
CA LYS F 148 -19.22 6.07 -25.80
C LYS F 148 -18.21 6.90 -26.56
N ASP F 149 -17.00 6.40 -26.73
CA ASP F 149 -16.01 7.16 -27.47
C ASP F 149 -16.44 7.26 -28.95
N ILE F 150 -16.67 8.48 -29.40
CA ILE F 150 -17.17 8.68 -30.76
C ILE F 150 -16.70 10.01 -31.35
N ASN F 151 -16.84 10.18 -32.66
CA ASN F 151 -16.25 11.38 -33.25
C ASN F 151 -17.04 12.13 -34.33
N VAL F 152 -17.27 13.41 -34.12
CA VAL F 152 -18.02 14.21 -35.10
C VAL F 152 -17.22 15.17 -35.94
N LYS F 153 -17.47 15.18 -37.25
CA LYS F 153 -16.79 16.10 -38.14
C LYS F 153 -17.86 16.93 -38.84
N TRP F 154 -17.74 18.25 -38.79
CA TRP F 154 -18.68 19.14 -39.45
C TRP F 154 -18.07 19.68 -40.75
N LYS F 155 -18.87 19.74 -41.82
CA LYS F 155 -18.36 20.23 -43.09
C LYS F 155 -19.30 21.21 -43.77
N ILE F 156 -18.83 22.43 -43.98
CA ILE F 156 -19.62 23.45 -44.64
C ILE F 156 -19.21 23.44 -46.12
N ASP F 157 -20.20 23.39 -47.01
CA ASP F 157 -19.94 23.33 -48.45
C ASP F 157 -18.75 22.41 -48.76
N GLY F 158 -18.68 21.29 -48.05
CA GLY F 158 -17.62 20.33 -48.27
C GLY F 158 -16.35 20.54 -47.47
N SER F 159 -16.17 21.74 -46.92
CA SER F 159 -14.98 22.04 -46.13
C SER F 159 -15.22 21.91 -44.62
N GLU F 160 -14.25 21.32 -43.92
CA GLU F 160 -14.34 21.12 -42.48
C GLU F 160 -14.53 22.42 -41.70
N ARG F 161 -14.92 22.30 -40.43
CA ARG F 161 -15.17 23.46 -39.56
C ARG F 161 -14.94 23.10 -38.08
N GLN F 162 -13.95 23.73 -37.47
CA GLN F 162 -13.56 23.47 -36.07
C GLN F 162 -14.30 24.28 -35.00
N ASN F 163 -14.25 25.60 -35.12
CA ASN F 163 -14.86 26.50 -34.15
C ASN F 163 -16.37 26.61 -34.35
N GLY F 164 -17.08 26.80 -33.24
CA GLY F 164 -18.52 26.94 -33.32
C GLY F 164 -19.35 25.70 -33.07
N VAL F 165 -18.70 24.58 -32.76
CA VAL F 165 -19.44 23.36 -32.51
C VAL F 165 -19.38 22.94 -31.03
N LEU F 166 -20.55 22.69 -30.46
CA LEU F 166 -20.67 22.30 -29.06
C LEU F 166 -21.23 20.89 -28.93
N ASN F 167 -20.56 20.03 -28.17
CA ASN F 167 -21.00 18.66 -28.00
C ASN F 167 -21.37 18.25 -26.58
N SER F 168 -22.35 17.36 -26.49
CA SER F 168 -22.83 16.86 -25.21
C SER F 168 -23.19 15.36 -25.28
N TRP F 169 -22.68 14.60 -24.32
CA TRP F 169 -22.92 13.16 -24.23
C TRP F 169 -23.92 12.91 -23.11
N THR F 170 -24.85 12.00 -23.31
CA THR F 170 -25.81 11.70 -22.27
C THR F 170 -25.18 10.67 -21.35
N ASP F 171 -25.90 10.34 -20.29
CA ASP F 171 -25.44 9.32 -19.36
C ASP F 171 -25.86 8.02 -20.02
N GLN F 172 -25.35 6.90 -19.51
CA GLN F 172 -25.69 5.61 -20.06
C GLN F 172 -27.20 5.41 -19.97
N ASP F 173 -27.83 5.12 -21.10
CA ASP F 173 -29.27 4.93 -21.13
C ASP F 173 -29.68 3.83 -20.14
N SER F 174 -30.73 4.10 -19.36
CA SER F 174 -31.20 3.15 -18.35
C SER F 174 -31.89 1.92 -18.92
N LYS F 175 -32.21 1.94 -20.20
CA LYS F 175 -32.85 0.75 -20.76
C LYS F 175 -31.92 -0.08 -21.64
N ASP F 176 -31.26 0.50 -22.64
CA ASP F 176 -30.38 -0.31 -23.49
C ASP F 176 -28.86 -0.15 -23.29
N SER F 177 -28.47 0.57 -22.24
CA SER F 177 -27.06 0.78 -21.93
C SER F 177 -26.18 1.45 -22.99
N THR F 178 -26.79 2.14 -23.94
CA THR F 178 -26.01 2.84 -24.97
C THR F 178 -25.80 4.28 -24.52
N TYR F 179 -25.11 5.05 -25.35
CA TYR F 179 -24.87 6.45 -25.06
C TYR F 179 -25.42 7.21 -26.25
N SER F 180 -25.72 8.49 -26.05
CA SER F 180 -26.20 9.33 -27.12
C SER F 180 -25.36 10.59 -27.07
N MET F 181 -25.20 11.27 -28.20
CA MET F 181 -24.39 12.45 -28.20
C MET F 181 -24.95 13.51 -29.11
N SER F 182 -25.09 14.72 -28.58
CA SER F 182 -25.60 15.82 -29.39
C SER F 182 -24.46 16.70 -29.84
N SER F 183 -24.54 17.17 -31.07
CA SER F 183 -23.51 18.04 -31.60
C SER F 183 -24.16 19.20 -32.34
N THR F 184 -23.80 20.41 -31.95
CA THR F 184 -24.37 21.60 -32.58
C THR F 184 -23.31 22.54 -33.14
N LEU F 185 -23.57 23.02 -34.36
CA LEU F 185 -22.69 23.93 -35.06
C LEU F 185 -23.42 25.26 -35.09
N THR F 186 -22.88 26.25 -34.39
CA THR F 186 -23.52 27.57 -34.30
C THR F 186 -22.80 28.70 -35.07
N LEU F 187 -23.57 29.37 -35.94
CA LEU F 187 -23.06 30.46 -36.77
C LEU F 187 -23.96 31.70 -36.66
N THR F 188 -23.86 32.57 -37.65
CA THR F 188 -24.67 33.77 -37.69
C THR F 188 -25.59 33.62 -38.88
N LYS F 189 -26.77 34.25 -38.83
CA LYS F 189 -27.70 34.16 -39.94
C LYS F 189 -26.93 34.48 -41.22
N ASP F 190 -26.14 35.56 -41.17
CA ASP F 190 -25.35 36.01 -42.31
C ASP F 190 -24.35 34.97 -42.81
N GLU F 191 -23.60 34.36 -41.89
CA GLU F 191 -22.62 33.35 -42.24
C GLU F 191 -23.33 32.13 -42.86
N TYR F 192 -24.28 31.58 -42.12
CA TYR F 192 -25.05 30.42 -42.55
C TYR F 192 -25.66 30.60 -43.94
N GLU F 193 -25.99 31.83 -44.31
CA GLU F 193 -26.58 32.10 -45.63
C GLU F 193 -25.55 32.25 -46.74
N ARG F 194 -24.27 32.23 -46.38
CA ARG F 194 -23.20 32.36 -47.36
C ARG F 194 -22.66 30.97 -47.69
N HIS F 195 -23.52 29.97 -47.52
CA HIS F 195 -23.13 28.59 -47.80
C HIS F 195 -24.37 27.76 -48.12
N ASN F 196 -24.16 26.56 -48.65
CA ASN F 196 -25.29 25.71 -49.04
C ASN F 196 -25.42 24.34 -48.38
N SER F 197 -24.34 23.56 -48.34
CA SER F 197 -24.41 22.22 -47.76
C SER F 197 -23.71 22.04 -46.42
N TYR F 198 -24.48 21.57 -45.45
CA TYR F 198 -24.01 21.34 -44.10
C TYR F 198 -24.15 19.85 -43.84
N THR F 199 -23.09 19.22 -43.37
CA THR F 199 -23.13 17.80 -43.10
C THR F 199 -22.34 17.46 -41.85
N CYS F 200 -22.77 16.43 -41.15
CA CYS F 200 -22.02 15.99 -39.97
C CYS F 200 -21.64 14.55 -40.25
N GLU F 201 -20.39 14.21 -39.97
CA GLU F 201 -19.88 12.87 -40.21
C GLU F 201 -19.50 12.22 -38.90
N ALA F 202 -20.15 11.10 -38.59
CA ALA F 202 -19.89 10.40 -37.35
C ALA F 202 -18.97 9.20 -37.55
N THR F 203 -17.88 9.17 -36.78
CA THR F 203 -16.95 8.05 -36.88
C THR F 203 -16.93 7.33 -35.54
N HIS F 204 -17.32 6.06 -35.59
CA HIS F 204 -17.41 5.23 -34.40
C HIS F 204 -16.78 3.88 -34.70
N LYS F 205 -16.37 3.15 -33.67
CA LYS F 205 -15.76 1.84 -33.86
C LYS F 205 -16.52 0.98 -34.85
N THR F 206 -17.82 0.85 -34.62
CA THR F 206 -18.71 0.04 -35.44
C THR F 206 -18.65 0.24 -36.95
N SER F 207 -17.58 0.86 -37.44
CA SER F 207 -17.44 1.09 -38.87
C SER F 207 -16.14 1.77 -39.26
N THR F 208 -15.75 1.57 -40.52
CA THR F 208 -14.55 2.17 -41.06
C THR F 208 -14.96 3.47 -41.73
N SER F 209 -16.03 3.40 -42.52
CA SER F 209 -16.55 4.59 -43.19
C SER F 209 -17.55 5.25 -42.24
N PRO F 210 -17.52 6.60 -42.19
CA PRO F 210 -18.43 7.34 -41.32
C PRO F 210 -19.84 7.42 -41.86
N ILE F 211 -20.76 7.81 -40.99
CA ILE F 211 -22.15 7.97 -41.37
C ILE F 211 -22.32 9.48 -41.60
N VAL F 212 -22.75 9.86 -42.80
CA VAL F 212 -22.93 11.28 -43.10
C VAL F 212 -24.37 11.66 -43.40
N LYS F 213 -24.85 12.68 -42.69
CA LYS F 213 -26.19 13.22 -42.87
C LYS F 213 -25.97 14.67 -43.27
N SER F 214 -26.82 15.18 -44.15
CA SER F 214 -26.68 16.56 -44.58
C SER F 214 -27.88 17.12 -45.30
N PHE F 215 -27.74 18.36 -45.75
CA PHE F 215 -28.80 19.02 -46.49
C PHE F 215 -28.27 20.24 -47.24
N ASN F 216 -29.07 20.74 -48.18
CA ASN F 216 -28.69 21.89 -48.98
C ASN F 216 -29.71 22.99 -48.78
N ARG F 217 -29.29 24.07 -48.13
CA ARG F 217 -30.16 25.19 -47.83
C ARG F 217 -31.00 25.65 -49.02
N ASN F 218 -30.49 25.45 -50.23
CA ASN F 218 -31.22 25.87 -51.43
C ASN F 218 -32.41 24.97 -51.75
N GLU F 219 -32.41 23.75 -51.19
CA GLU F 219 -33.49 22.80 -51.42
C GLU F 219 -34.54 22.83 -50.31
N CYS F 220 -34.78 24.01 -49.75
CA CYS F 220 -35.77 24.17 -48.69
C CYS F 220 -36.88 25.12 -49.17
N GLN G 1 -47.85 8.37 2.43
CA GLN G 1 -47.54 9.36 1.34
C GLN G 1 -46.51 10.38 1.83
N ILE G 2 -45.50 9.89 2.54
CA ILE G 2 -44.44 10.75 3.06
C ILE G 2 -43.67 11.40 1.90
N GLN G 3 -43.36 12.69 2.02
CA GLN G 3 -42.61 13.39 0.99
C GLN G 3 -42.04 14.70 1.50
N LEU G 4 -40.86 15.07 1.00
CA LEU G 4 -40.21 16.31 1.37
C LEU G 4 -40.16 17.24 0.17
N VAL G 5 -40.70 18.45 0.33
CA VAL G 5 -40.75 19.42 -0.75
C VAL G 5 -39.82 20.61 -0.48
N GLN G 6 -38.77 20.74 -1.28
CA GLN G 6 -37.81 21.83 -1.08
C GLN G 6 -38.08 23.01 -2.00
N SER G 7 -37.59 24.18 -1.61
CA SER G 7 -37.76 25.39 -2.41
C SER G 7 -36.89 25.27 -3.65
N GLY G 8 -37.29 25.96 -4.72
CA GLY G 8 -36.57 25.88 -6.00
C GLY G 8 -35.15 26.40 -6.10
N PRO G 9 -34.54 26.32 -7.30
CA PRO G 9 -33.16 26.77 -7.53
C PRO G 9 -32.92 28.24 -7.19
N GLU G 10 -31.75 28.52 -6.64
CA GLU G 10 -31.37 29.86 -6.23
C GLU G 10 -30.04 30.30 -6.85
N LEU G 11 -30.00 31.52 -7.38
CA LEU G 11 -28.79 32.07 -7.99
C LEU G 11 -28.40 33.26 -7.11
N LYS G 12 -27.26 33.17 -6.45
CA LYS G 12 -26.80 34.23 -5.55
C LYS G 12 -25.36 34.65 -5.81
N LYS G 13 -25.13 35.96 -5.78
CA LYS G 13 -23.79 36.51 -5.99
C LYS G 13 -22.91 36.15 -4.79
N PRO G 14 -21.61 35.94 -5.03
CA PRO G 14 -20.72 35.59 -3.91
C PRO G 14 -20.81 36.64 -2.82
N GLY G 15 -20.97 36.19 -1.58
CA GLY G 15 -21.06 37.12 -0.48
C GLY G 15 -22.46 37.23 0.06
N GLU G 16 -23.46 37.14 -0.81
CA GLU G 16 -24.86 37.22 -0.39
C GLU G 16 -25.23 36.09 0.57
N THR G 17 -26.53 36.01 0.85
CA THR G 17 -27.06 35.00 1.73
C THR G 17 -28.30 34.38 1.08
N VAL G 18 -28.56 33.11 1.36
CA VAL G 18 -29.71 32.41 0.79
C VAL G 18 -30.38 31.53 1.83
N LYS G 19 -31.70 31.40 1.75
CA LYS G 19 -32.46 30.58 2.70
C LYS G 19 -33.30 29.53 2.00
N ILE G 20 -32.97 28.26 2.24
CA ILE G 20 -33.66 27.13 1.64
C ILE G 20 -34.68 26.47 2.57
N SER G 21 -35.82 26.07 2.01
CA SER G 21 -36.88 25.44 2.80
C SER G 21 -37.14 23.99 2.39
N CYS G 22 -37.66 23.23 3.34
CA CYS G 22 -37.98 21.83 3.15
C CYS G 22 -39.31 21.58 3.86
N LYS G 23 -40.39 21.53 3.09
CA LYS G 23 -41.73 21.32 3.66
C LYS G 23 -42.13 19.85 3.70
N ALA G 24 -42.13 19.27 4.90
CA ALA G 24 -42.50 17.88 5.10
C ALA G 24 -44.01 17.70 4.94
N SER G 25 -44.46 16.44 4.94
CA SER G 25 -45.87 16.14 4.80
C SER G 25 -46.05 14.64 4.68
N GLY G 26 -47.01 14.09 5.42
CA GLY G 26 -47.25 12.66 5.37
C GLY G 26 -46.89 11.96 6.66
N TYR G 27 -46.51 12.73 7.68
CA TYR G 27 -46.16 12.18 8.99
C TYR G 27 -46.03 13.30 10.00
N THR G 28 -45.80 12.93 11.27
CA THR G 28 -45.64 13.93 12.32
C THR G 28 -44.24 14.55 12.27
N PHE G 29 -44.16 15.71 11.61
CA PHE G 29 -42.93 16.47 11.42
C PHE G 29 -41.97 16.48 12.61
N THR G 30 -42.51 16.29 13.81
CA THR G 30 -41.69 16.31 15.02
C THR G 30 -41.26 14.95 15.56
N ASP G 31 -41.77 13.88 14.96
CA ASP G 31 -41.44 12.52 15.39
C ASP G 31 -40.07 12.07 14.90
N PHE G 32 -39.56 12.74 13.88
CA PHE G 32 -38.28 12.37 13.29
C PHE G 32 -37.35 13.55 13.04
N SER G 33 -36.07 13.33 13.35
CA SER G 33 -35.04 14.34 13.14
C SER G 33 -34.83 14.59 11.65
N MET G 34 -34.51 15.83 11.30
CA MET G 34 -34.29 16.17 9.90
C MET G 34 -32.82 16.47 9.68
N HIS G 35 -32.22 15.81 8.69
CA HIS G 35 -30.81 16.01 8.37
C HIS G 35 -30.64 16.69 7.02
N TRP G 36 -29.48 17.30 6.83
CA TRP G 36 -29.17 17.96 5.56
C TRP G 36 -27.89 17.36 4.98
N VAL G 37 -27.86 17.23 3.66
CA VAL G 37 -26.71 16.67 2.96
C VAL G 37 -26.55 17.46 1.67
N ASN G 38 -25.32 17.84 1.34
CA ASN G 38 -25.11 18.60 0.11
C ASN G 38 -24.30 17.81 -0.90
N GLN G 39 -24.20 18.34 -2.11
CA GLN G 39 -23.47 17.64 -3.15
C GLN G 39 -23.08 18.58 -4.27
N ALA G 40 -21.79 18.86 -4.36
CA ALA G 40 -21.24 19.73 -5.40
C ALA G 40 -21.37 19.02 -6.74
N PRO G 41 -21.42 19.78 -7.84
CA PRO G 41 -21.53 19.19 -9.17
C PRO G 41 -20.54 18.07 -9.37
N GLY G 42 -21.04 16.90 -9.78
CA GLY G 42 -20.18 15.77 -10.01
C GLY G 42 -19.41 15.27 -8.80
N LYS G 43 -19.80 15.67 -7.60
CA LYS G 43 -19.08 15.20 -6.42
C LYS G 43 -19.92 14.22 -5.62
N GLY G 44 -19.40 13.81 -4.46
CA GLY G 44 -20.10 12.88 -3.61
C GLY G 44 -21.06 13.54 -2.62
N LEU G 45 -21.60 12.74 -1.71
CA LEU G 45 -22.53 13.23 -0.71
C LEU G 45 -21.82 13.62 0.59
N ASN G 46 -22.17 14.80 1.10
CA ASN G 46 -21.59 15.32 2.35
C ASN G 46 -22.68 15.50 3.39
N TRP G 47 -22.53 14.86 4.53
CA TRP G 47 -23.52 15.00 5.58
C TRP G 47 -23.17 16.34 6.23
N MET G 48 -24.12 17.26 6.23
CA MET G 48 -23.90 18.57 6.81
C MET G 48 -24.23 18.61 8.29
N GLY G 49 -25.36 18.01 8.64
CA GLY G 49 -25.76 17.99 10.03
C GLY G 49 -27.22 17.63 10.17
N TRP G 50 -27.84 18.10 11.25
CA TRP G 50 -29.25 17.79 11.47
C TRP G 50 -29.83 18.70 12.52
N VAL G 51 -31.16 18.76 12.57
CA VAL G 51 -31.83 19.57 13.56
C VAL G 51 -32.87 18.71 14.27
N ASN G 52 -33.02 18.93 15.57
CA ASN G 52 -33.98 18.21 16.40
C ASN G 52 -35.34 18.87 16.11
N THR G 53 -36.33 18.10 15.68
CA THR G 53 -37.65 18.69 15.41
C THR G 53 -38.54 18.69 16.64
N GLU G 54 -37.93 18.43 17.80
CA GLU G 54 -38.69 18.43 19.04
C GLU G 54 -38.13 19.50 19.98
N THR G 55 -36.83 19.75 19.90
CA THR G 55 -36.18 20.76 20.73
C THR G 55 -35.62 21.85 19.83
N GLY G 56 -35.71 21.63 18.53
CA GLY G 56 -35.21 22.60 17.56
C GLY G 56 -33.71 22.79 17.60
N GLU G 57 -33.02 22.06 18.47
CA GLU G 57 -31.58 22.19 18.59
C GLU G 57 -30.80 21.72 17.35
N PRO G 58 -29.95 22.62 16.80
CA PRO G 58 -29.16 22.29 15.62
C PRO G 58 -27.83 21.67 15.99
N THR G 59 -27.17 21.06 15.02
CA THR G 59 -25.88 20.43 15.21
C THR G 59 -25.29 20.19 13.81
N TYR G 60 -24.15 20.81 13.57
CA TYR G 60 -23.48 20.74 12.27
C TYR G 60 -22.19 19.92 12.28
N ALA G 61 -21.70 19.61 11.08
CA ALA G 61 -20.47 18.85 10.93
C ALA G 61 -19.34 19.87 10.95
N ASP G 62 -18.13 19.41 11.17
CA ASP G 62 -16.97 20.32 11.20
C ASP G 62 -16.87 21.19 9.96
N ASP G 63 -17.12 20.62 8.79
CA ASP G 63 -17.03 21.38 7.54
C ASP G 63 -18.01 22.55 7.43
N PHE G 64 -18.82 22.77 8.47
CA PHE G 64 -19.79 23.85 8.44
C PHE G 64 -19.77 24.64 9.75
N LYS G 65 -20.88 24.64 10.48
CA LYS G 65 -20.96 25.36 11.75
C LYS G 65 -20.88 26.88 11.62
N GLY G 66 -19.97 27.34 10.77
CA GLY G 66 -19.78 28.77 10.60
C GLY G 66 -20.86 29.58 9.89
N ARG G 67 -20.93 29.43 8.58
CA ARG G 67 -21.89 30.18 7.77
C ARG G 67 -23.24 29.53 7.57
N PHE G 68 -23.47 28.37 8.18
CA PHE G 68 -24.74 27.66 8.01
C PHE G 68 -25.62 27.64 9.26
N ALA G 69 -26.92 27.82 9.06
CA ALA G 69 -27.89 27.84 10.16
C ALA G 69 -29.17 27.06 9.88
N PHE G 70 -29.38 25.97 10.64
CA PHE G 70 -30.57 25.14 10.50
C PHE G 70 -31.66 25.71 11.41
N SER G 71 -32.92 25.64 11.00
CA SER G 71 -33.98 26.15 11.83
C SER G 71 -35.33 25.52 11.51
N LEU G 72 -36.22 25.56 12.48
CA LEU G 72 -37.54 24.98 12.31
C LEU G 72 -38.63 26.03 12.24
N GLU G 73 -39.84 25.55 12.01
CA GLU G 73 -41.03 26.36 11.94
C GLU G 73 -42.01 25.54 12.79
N THR G 74 -42.17 24.29 12.37
CA THR G 74 -43.05 23.34 13.04
C THR G 74 -44.50 23.56 12.65
N SER G 75 -45.03 24.74 12.99
CA SER G 75 -46.42 25.06 12.66
C SER G 75 -46.64 24.72 11.19
N ALA G 76 -45.62 25.01 10.37
CA ALA G 76 -45.68 24.77 8.94
C ALA G 76 -45.00 23.44 8.59
N SER G 77 -44.44 22.77 9.60
CA SER G 77 -43.74 21.51 9.38
C SER G 77 -42.79 21.81 8.23
N THR G 78 -41.87 22.73 8.47
CA THR G 78 -40.90 23.14 7.48
C THR G 78 -39.52 23.29 8.08
N ALA G 79 -38.55 22.62 7.48
CA ALA G 79 -37.17 22.69 7.95
C ALA G 79 -36.50 23.75 7.09
N TYR G 80 -35.65 24.56 7.71
CA TYR G 80 -34.94 25.62 7.00
C TYR G 80 -33.45 25.45 7.12
N LEU G 81 -32.74 25.91 6.10
CA LEU G 81 -31.28 25.86 6.04
C LEU G 81 -30.87 27.20 5.43
N GLN G 82 -30.02 27.94 6.14
CA GLN G 82 -29.59 29.25 5.69
C GLN G 82 -28.08 29.27 5.54
N ILE G 83 -27.61 29.98 4.53
CA ILE G 83 -26.17 30.07 4.26
C ILE G 83 -25.79 31.56 4.17
N ASN G 84 -24.82 31.98 4.97
CA ASN G 84 -24.37 33.37 4.99
C ASN G 84 -23.02 33.53 4.30
N SER G 85 -22.78 34.73 3.75
CA SER G 85 -21.54 35.01 3.06
C SER G 85 -21.23 33.89 2.05
N LEU G 86 -22.20 33.61 1.19
CA LEU G 86 -22.04 32.56 0.18
C LEU G 86 -20.71 32.66 -0.56
N LYS G 87 -20.09 31.51 -0.76
CA LYS G 87 -18.80 31.44 -1.44
C LYS G 87 -18.93 30.56 -2.66
N ASN G 88 -17.97 30.65 -3.60
CA ASN G 88 -18.02 29.83 -4.80
C ASN G 88 -18.09 28.34 -4.46
N GLU G 89 -17.38 27.94 -3.41
CA GLU G 89 -17.38 26.53 -3.01
C GLU G 89 -18.77 26.06 -2.59
N ASP G 90 -19.66 27.00 -2.29
CA ASP G 90 -21.01 26.66 -1.86
C ASP G 90 -21.96 26.26 -2.98
N THR G 91 -21.52 26.35 -4.23
CA THR G 91 -22.38 25.95 -5.33
C THR G 91 -22.55 24.45 -5.15
N ALA G 92 -23.80 23.97 -5.18
CA ALA G 92 -24.10 22.56 -5.01
C ALA G 92 -25.60 22.36 -4.81
N THR G 93 -26.01 21.09 -4.79
CA THR G 93 -27.40 20.77 -4.57
C THR G 93 -27.51 20.36 -3.11
N TYR G 94 -28.42 21.01 -2.38
CA TYR G 94 -28.61 20.72 -0.97
C TYR G 94 -29.87 19.88 -0.79
N PHE G 95 -29.71 18.76 -0.09
CA PHE G 95 -30.83 17.85 0.16
C PHE G 95 -31.22 17.81 1.62
N CYS G 96 -32.51 17.61 1.87
CA CYS G 96 -33.00 17.45 3.23
C CYS G 96 -33.59 16.04 3.20
N ALA G 97 -33.41 15.29 4.28
CA ALA G 97 -33.94 13.94 4.31
C ALA G 97 -34.32 13.53 5.72
N ARG G 98 -35.44 12.81 5.83
CA ARG G 98 -35.89 12.37 7.14
C ARG G 98 -34.96 11.25 7.58
N PHE G 99 -34.57 11.28 8.84
CA PHE G 99 -33.67 10.28 9.38
C PHE G 99 -34.41 9.37 10.35
N LEU G 100 -34.48 8.09 10.00
CA LEU G 100 -35.14 7.10 10.83
C LEU G 100 -34.29 6.65 12.00
N LEU G 101 -34.94 5.99 12.95
CA LEU G 101 -34.29 5.50 14.16
C LEU G 101 -33.33 4.37 13.80
N ARG G 102 -33.55 3.79 12.61
CA ARG G 102 -32.70 2.71 12.11
C ARG G 102 -31.43 3.25 11.47
N GLN G 103 -31.06 4.46 11.88
CA GLN G 103 -29.86 5.13 11.39
C GLN G 103 -29.71 5.20 9.87
N TYR G 104 -30.78 5.62 9.19
CA TYR G 104 -30.73 5.73 7.74
C TYR G 104 -31.83 6.65 7.22
N PHE G 105 -31.57 7.26 6.07
CA PHE G 105 -32.53 8.16 5.43
C PHE G 105 -33.48 7.37 4.54
N ASP G 106 -34.76 7.40 4.88
CA ASP G 106 -35.74 6.64 4.11
C ASP G 106 -36.49 7.53 3.13
N VAL G 107 -36.31 8.84 3.25
CA VAL G 107 -36.97 9.77 2.35
C VAL G 107 -36.15 11.06 2.18
N TRP G 108 -36.03 11.51 0.94
CA TRP G 108 -35.26 12.70 0.60
C TRP G 108 -36.09 13.64 -0.25
N GLY G 109 -35.68 14.91 -0.27
CA GLY G 109 -36.36 15.88 -1.08
C GLY G 109 -35.62 15.94 -2.41
N ALA G 110 -36.21 16.59 -3.40
CA ALA G 110 -35.58 16.70 -4.72
C ALA G 110 -34.28 17.51 -4.64
N GLY G 111 -34.07 18.17 -3.51
CA GLY G 111 -32.87 18.98 -3.32
C GLY G 111 -32.94 20.34 -3.98
N THR G 112 -32.25 21.30 -3.39
CA THR G 112 -32.21 22.66 -3.93
C THR G 112 -30.85 22.93 -4.58
N THR G 113 -30.88 23.33 -5.85
CA THR G 113 -29.66 23.64 -6.56
C THR G 113 -29.36 25.13 -6.40
N VAL G 114 -28.34 25.46 -5.64
CA VAL G 114 -27.99 26.85 -5.46
C VAL G 114 -26.66 27.16 -6.10
N THR G 115 -26.71 27.99 -7.13
CA THR G 115 -25.53 28.40 -7.87
C THR G 115 -24.99 29.75 -7.36
N VAL G 116 -23.71 29.79 -7.03
CA VAL G 116 -23.10 31.03 -6.57
C VAL G 116 -22.36 31.64 -7.75
N SER G 117 -22.91 32.72 -8.28
CA SER G 117 -22.31 33.37 -9.43
C SER G 117 -22.73 34.83 -9.53
N SER G 118 -21.97 35.58 -10.31
CA SER G 118 -22.24 36.99 -10.51
C SER G 118 -23.06 37.15 -11.80
N ALA G 119 -23.13 36.10 -12.60
CA ALA G 119 -23.89 36.13 -13.84
C ALA G 119 -25.38 36.30 -13.56
N LYS G 120 -26.05 37.02 -14.44
CA LYS G 120 -27.48 37.26 -14.26
C LYS G 120 -28.37 36.11 -14.70
N THR G 121 -29.52 36.00 -14.07
CA THR G 121 -30.50 34.98 -14.39
C THR G 121 -31.08 35.34 -15.74
N THR G 122 -31.00 34.45 -16.70
CA THR G 122 -31.55 34.72 -18.02
C THR G 122 -32.26 33.49 -18.58
N PRO G 123 -33.52 33.66 -19.02
CA PRO G 123 -34.38 32.63 -19.59
C PRO G 123 -33.87 32.13 -20.94
N PRO G 124 -34.22 30.91 -21.31
CA PRO G 124 -33.77 30.33 -22.57
C PRO G 124 -34.63 30.58 -23.80
N SER G 125 -34.04 30.33 -24.97
CA SER G 125 -34.77 30.44 -26.22
C SER G 125 -34.99 28.98 -26.55
N VAL G 126 -36.20 28.61 -26.94
CA VAL G 126 -36.47 27.23 -27.27
C VAL G 126 -36.84 27.12 -28.74
N TYR G 127 -35.94 26.55 -29.52
CA TYR G 127 -36.16 26.43 -30.96
C TYR G 127 -36.57 25.03 -31.37
N PRO G 128 -37.61 24.91 -32.23
CA PRO G 128 -38.07 23.60 -32.67
C PRO G 128 -37.15 23.02 -33.74
N LEU G 129 -36.88 21.72 -33.64
CA LEU G 129 -36.02 21.05 -34.58
C LEU G 129 -36.75 20.00 -35.42
N ALA G 130 -37.27 20.41 -36.57
CA ALA G 130 -37.96 19.49 -37.44
C ALA G 130 -36.95 19.01 -38.49
N PRO G 131 -37.15 17.81 -39.04
CA PRO G 131 -36.23 17.28 -40.05
C PRO G 131 -36.12 18.14 -41.31
N GLY G 132 -35.17 17.79 -42.18
CA GLY G 132 -34.97 18.54 -43.41
C GLY G 132 -36.13 18.47 -44.39
N SER G 133 -35.86 17.92 -45.57
CA SER G 133 -36.87 17.78 -46.62
C SER G 133 -36.50 16.72 -47.66
N ALA G 134 -35.21 16.48 -47.85
CA ALA G 134 -34.74 15.50 -48.83
C ALA G 134 -34.02 14.29 -48.23
N ALA G 135 -34.78 13.46 -47.51
CA ALA G 135 -34.30 12.25 -46.87
C ALA G 135 -35.48 11.68 -46.11
N GLN G 136 -36.60 12.40 -46.21
CA GLN G 136 -37.87 12.06 -45.55
C GLN G 136 -38.35 10.61 -45.68
N THR G 137 -39.55 10.37 -45.14
CA THR G 137 -40.20 9.06 -45.16
C THR G 137 -39.30 7.90 -44.75
N ASN G 138 -39.48 7.44 -43.52
CA ASN G 138 -38.73 6.33 -42.97
C ASN G 138 -39.63 5.71 -41.91
N SER G 139 -39.26 4.53 -41.41
CA SER G 139 -40.07 3.88 -40.38
C SER G 139 -40.25 4.84 -39.20
N MET G 140 -39.13 5.30 -38.68
CA MET G 140 -39.13 6.22 -37.54
C MET G 140 -38.67 7.62 -37.97
N VAL G 141 -39.02 8.61 -37.15
CA VAL G 141 -38.64 9.99 -37.42
C VAL G 141 -38.22 10.66 -36.11
N THR G 142 -37.06 11.29 -36.12
CA THR G 142 -36.53 11.98 -34.94
C THR G 142 -36.80 13.47 -34.95
N LEU G 143 -37.29 13.98 -33.82
CA LEU G 143 -37.57 15.40 -33.68
C LEU G 143 -36.73 15.90 -32.52
N GLY G 144 -36.62 17.21 -32.36
CA GLY G 144 -35.83 17.71 -31.24
C GLY G 144 -36.12 19.12 -30.79
N CYS G 145 -35.53 19.50 -29.66
CA CYS G 145 -35.67 20.84 -29.12
C CYS G 145 -34.29 21.39 -28.75
N LEU G 146 -34.02 22.62 -29.15
CA LEU G 146 -32.76 23.29 -28.85
C LEU G 146 -33.03 24.35 -27.79
N VAL G 147 -32.49 24.16 -26.58
CA VAL G 147 -32.69 25.10 -25.49
C VAL G 147 -31.41 25.95 -25.38
N LYS G 148 -31.43 27.12 -26.02
CA LYS G 148 -30.24 27.97 -26.07
C LYS G 148 -30.23 29.30 -25.29
N GLY G 149 -29.09 29.53 -24.64
CA GLY G 149 -28.85 30.75 -23.89
C GLY G 149 -29.56 30.97 -22.57
N TYR G 150 -29.36 30.07 -21.61
CA TYR G 150 -30.01 30.24 -20.32
C TYR G 150 -29.03 30.18 -19.14
N PHE G 151 -29.49 30.66 -18.00
CA PHE G 151 -28.68 30.66 -16.80
C PHE G 151 -29.59 31.05 -15.66
N PRO G 152 -29.47 30.38 -14.51
CA PRO G 152 -28.53 29.29 -14.25
C PRO G 152 -29.24 27.95 -14.45
N GLU G 153 -28.57 26.86 -14.08
CA GLU G 153 -29.18 25.55 -14.16
C GLU G 153 -30.19 25.51 -13.01
N PRO G 154 -31.17 24.60 -13.06
CA PRO G 154 -31.36 23.63 -14.14
C PRO G 154 -32.50 24.01 -15.09
N VAL G 155 -32.78 23.09 -15.98
CA VAL G 155 -33.85 23.24 -16.94
C VAL G 155 -34.37 21.83 -17.15
N THR G 156 -35.67 21.63 -17.09
CA THR G 156 -36.22 20.30 -17.31
C THR G 156 -36.87 20.25 -18.68
N VAL G 157 -36.96 19.05 -19.25
CA VAL G 157 -37.58 18.90 -20.55
C VAL G 157 -38.40 17.64 -20.61
N THR G 158 -39.61 17.76 -21.14
CA THR G 158 -40.50 16.62 -21.32
C THR G 158 -41.11 16.78 -22.69
N TRP G 159 -41.61 15.68 -23.23
CA TRP G 159 -42.27 15.72 -24.53
C TRP G 159 -43.73 15.34 -24.34
N ASN G 160 -44.63 16.13 -24.92
CA ASN G 160 -46.06 15.91 -24.79
C ASN G 160 -46.42 15.63 -23.33
N SER G 161 -45.94 16.51 -22.46
CA SER G 161 -46.19 16.43 -21.04
C SER G 161 -45.82 15.09 -20.41
N GLY G 162 -44.77 14.45 -20.91
CA GLY G 162 -44.37 13.18 -20.34
C GLY G 162 -45.03 11.99 -21.03
N SER G 163 -45.96 12.26 -21.94
CA SER G 163 -46.62 11.18 -22.67
C SER G 163 -45.53 10.41 -23.39
N LEU G 164 -44.66 11.14 -24.08
CA LEU G 164 -43.55 10.54 -24.79
C LEU G 164 -42.40 10.46 -23.81
N SER G 165 -42.04 9.25 -23.41
CA SER G 165 -40.97 9.07 -22.43
C SER G 165 -39.84 8.18 -22.95
N SER G 166 -40.20 7.21 -23.80
CA SER G 166 -39.19 6.31 -24.36
C SER G 166 -38.67 6.90 -25.67
N GLY G 167 -37.44 6.61 -26.01
CA GLY G 167 -36.88 7.15 -27.23
C GLY G 167 -36.65 8.64 -27.08
N VAL G 168 -36.41 9.04 -25.84
CA VAL G 168 -36.15 10.43 -25.53
C VAL G 168 -34.74 10.54 -24.98
N HIS G 169 -33.99 11.48 -25.53
CA HIS G 169 -32.63 11.74 -25.09
C HIS G 169 -32.49 13.23 -24.83
N THR G 170 -32.21 13.58 -23.58
CA THR G 170 -32.04 14.97 -23.19
C THR G 170 -30.58 15.12 -22.81
N PHE G 171 -29.81 15.88 -23.57
CA PHE G 171 -28.39 16.04 -23.30
C PHE G 171 -28.04 17.12 -22.28
N PRO G 172 -27.06 16.84 -21.41
CA PRO G 172 -26.62 17.78 -20.37
C PRO G 172 -26.21 19.10 -20.99
N ALA G 173 -26.43 20.19 -20.26
CA ALA G 173 -26.09 21.51 -20.77
C ALA G 173 -24.59 21.70 -20.79
N VAL G 174 -24.14 22.61 -21.65
CA VAL G 174 -22.73 22.94 -21.78
C VAL G 174 -22.64 24.46 -21.91
N LEU G 175 -21.57 25.06 -21.41
CA LEU G 175 -21.42 26.50 -21.51
C LEU G 175 -21.16 26.98 -22.93
N GLN G 176 -21.91 28.01 -23.32
CA GLN G 176 -21.80 28.61 -24.63
C GLN G 176 -21.79 30.12 -24.42
N SER G 177 -20.59 30.68 -24.22
CA SER G 177 -20.44 32.11 -23.94
C SER G 177 -21.11 32.49 -22.66
N ASP G 178 -20.72 31.76 -21.54
CA ASP G 178 -21.22 32.07 -20.25
C ASP G 178 -22.73 32.02 -20.24
N LEU G 179 -23.32 31.06 -21.00
CA LEU G 179 -24.76 30.91 -21.02
C LEU G 179 -24.93 29.45 -21.35
N TYR G 180 -25.89 28.78 -20.74
CA TYR G 180 -26.05 27.37 -21.00
C TYR G 180 -26.89 27.05 -22.22
N THR G 181 -26.60 25.89 -22.80
CA THR G 181 -27.33 25.38 -23.94
C THR G 181 -27.46 23.88 -23.82
N LEU G 182 -28.61 23.35 -24.23
CA LEU G 182 -28.82 21.91 -24.21
C LEU G 182 -29.88 21.58 -25.25
N SER G 183 -30.04 20.29 -25.52
CA SER G 183 -31.00 19.86 -26.52
C SER G 183 -31.63 18.55 -26.09
N SER G 184 -32.68 18.15 -26.80
CA SER G 184 -33.36 16.92 -26.48
C SER G 184 -33.93 16.36 -27.76
N SER G 185 -33.84 15.05 -27.91
CA SER G 185 -34.38 14.42 -29.09
C SER G 185 -35.42 13.41 -28.66
N VAL G 186 -36.34 13.12 -29.57
CA VAL G 186 -37.37 12.14 -29.31
C VAL G 186 -37.69 11.49 -30.64
N THR G 187 -37.81 10.17 -30.63
CA THR G 187 -38.11 9.43 -31.86
C THR G 187 -39.46 8.75 -31.73
N VAL G 188 -40.27 8.88 -32.78
CA VAL G 188 -41.58 8.28 -32.78
C VAL G 188 -41.88 7.68 -34.14
N PRO G 189 -42.90 6.80 -34.21
CA PRO G 189 -43.28 6.16 -35.46
C PRO G 189 -43.65 7.21 -36.50
N SER G 190 -42.97 7.17 -37.64
CA SER G 190 -43.22 8.12 -38.71
C SER G 190 -44.69 8.35 -39.00
N SER G 191 -45.52 7.39 -38.61
CA SER G 191 -46.97 7.48 -38.86
C SER G 191 -47.66 8.40 -37.86
N THR G 192 -47.00 8.66 -36.73
CA THR G 192 -47.59 9.51 -35.70
C THR G 192 -47.19 10.97 -35.83
N TRP G 193 -46.27 11.28 -36.72
CA TRP G 193 -45.86 12.67 -36.91
C TRP G 193 -45.71 13.00 -38.39
N PRO G 194 -46.29 14.13 -38.84
CA PRO G 194 -47.04 15.15 -38.09
C PRO G 194 -48.49 14.77 -37.77
N SER G 195 -48.88 13.54 -38.07
CA SER G 195 -50.23 13.06 -37.80
C SER G 195 -50.65 13.44 -36.38
N GLU G 196 -49.76 13.18 -35.42
CA GLU G 196 -50.00 13.51 -34.02
C GLU G 196 -49.07 14.67 -33.69
N THR G 197 -49.57 15.67 -32.95
CA THR G 197 -48.74 16.82 -32.61
C THR G 197 -47.71 16.48 -31.54
N VAL G 198 -46.46 16.76 -31.84
CA VAL G 198 -45.38 16.52 -30.90
C VAL G 198 -44.98 17.87 -30.32
N THR G 199 -44.97 17.96 -29.00
CA THR G 199 -44.61 19.20 -28.32
C THR G 199 -43.59 18.95 -27.23
N CYS G 200 -42.55 19.77 -27.15
CA CYS G 200 -41.58 19.59 -26.09
C CYS G 200 -41.85 20.66 -25.05
N ASN G 201 -41.73 20.28 -23.78
CA ASN G 201 -41.99 21.17 -22.68
C ASN G 201 -40.73 21.43 -21.90
N VAL G 202 -40.28 22.67 -21.92
CA VAL G 202 -39.08 23.07 -21.20
C VAL G 202 -39.43 24.08 -20.14
N ALA G 203 -38.85 23.91 -18.96
CA ALA G 203 -39.09 24.81 -17.85
C ALA G 203 -37.77 25.24 -17.28
N HIS G 204 -37.65 26.53 -16.99
CA HIS G 204 -36.42 27.08 -16.41
C HIS G 204 -36.87 27.74 -15.11
N PRO G 205 -36.94 26.97 -14.02
CA PRO G 205 -37.34 27.42 -12.69
C PRO G 205 -36.75 28.74 -12.20
N ALA G 206 -35.47 28.98 -12.49
CA ALA G 206 -34.82 30.21 -12.05
C ALA G 206 -35.49 31.47 -12.56
N SER G 207 -36.09 31.41 -13.74
CA SER G 207 -36.77 32.57 -14.31
C SER G 207 -38.27 32.32 -14.32
N SER G 208 -38.69 31.29 -13.57
CA SER G 208 -40.11 30.93 -13.48
C SER G 208 -40.71 30.86 -14.87
N THR G 209 -39.95 30.32 -15.82
CA THR G 209 -40.42 30.23 -17.20
C THR G 209 -40.73 28.82 -17.68
N LYS G 210 -41.73 28.72 -18.53
CA LYS G 210 -42.15 27.45 -19.15
C LYS G 210 -42.53 27.75 -20.59
N VAL G 211 -41.91 27.08 -21.54
CA VAL G 211 -42.28 27.27 -22.94
C VAL G 211 -42.62 25.91 -23.54
N ASP G 212 -43.81 25.81 -24.09
CA ASP G 212 -44.27 24.58 -24.72
C ASP G 212 -44.32 24.81 -26.22
N LYS G 213 -43.21 24.49 -26.88
CA LYS G 213 -43.06 24.66 -28.31
C LYS G 213 -43.47 23.40 -29.07
N LYS G 214 -44.31 23.59 -30.07
CA LYS G 214 -44.82 22.48 -30.88
C LYS G 214 -43.98 22.35 -32.13
N ILE G 215 -43.60 21.12 -32.48
CA ILE G 215 -42.80 20.90 -33.67
C ILE G 215 -43.70 20.79 -34.89
N VAL G 216 -43.49 21.67 -35.86
CA VAL G 216 -44.25 21.70 -37.10
C VAL G 216 -43.37 21.22 -38.25
N PRO G 217 -43.97 20.52 -39.24
CA PRO G 217 -43.17 20.02 -40.38
C PRO G 217 -42.57 21.13 -41.25
N ARG G 218 -41.65 20.74 -42.14
CA ARG G 218 -40.96 21.66 -43.04
C ARG G 218 -40.62 22.97 -42.34
N GLU H 14 -12.77 17.35 -14.39
CA GLU H 14 -11.44 16.71 -14.15
C GLU H 14 -10.93 16.97 -12.73
N PRO H 15 -11.74 16.60 -11.71
CA PRO H 15 -11.37 16.79 -10.30
C PRO H 15 -10.24 15.84 -9.84
N LYS H 16 -10.38 14.56 -10.19
CA LYS H 16 -9.40 13.53 -9.86
C LYS H 16 -9.23 13.27 -8.36
N GLU H 17 -9.24 11.98 -8.00
CA GLU H 17 -9.09 11.56 -6.60
C GLU H 17 -7.67 11.01 -6.39
N GLU H 18 -6.68 11.79 -6.81
CA GLU H 18 -5.27 11.42 -6.70
C GLU H 18 -4.93 10.31 -7.70
N VAL H 19 -4.08 9.36 -7.31
CA VAL H 19 -3.71 8.27 -8.20
C VAL H 19 -4.92 7.46 -8.68
N THR H 20 -4.91 7.10 -9.97
CA THR H 20 -5.98 6.31 -10.57
C THR H 20 -5.41 5.04 -11.22
N ILE H 21 -5.81 3.88 -10.69
CA ILE H 21 -5.35 2.60 -11.21
C ILE H 21 -6.42 1.88 -12.04
N LYS H 22 -6.15 1.73 -13.34
CA LYS H 22 -7.09 1.05 -14.21
C LYS H 22 -6.88 -0.46 -14.08
N VAL H 23 -7.94 -1.16 -13.73
CA VAL H 23 -7.85 -2.60 -13.51
C VAL H 23 -8.72 -3.51 -14.37
N ASN H 24 -8.10 -4.53 -14.95
CA ASN H 24 -8.83 -5.50 -15.77
C ASN H 24 -9.00 -6.76 -14.95
N LEU H 25 -10.24 -7.14 -14.71
CA LEU H 25 -10.54 -8.33 -13.92
C LEU H 25 -10.88 -9.45 -14.90
N ILE H 26 -9.86 -10.25 -15.20
CA ILE H 26 -9.99 -11.37 -16.14
C ILE H 26 -10.34 -12.68 -15.43
N PHE H 27 -11.61 -13.07 -15.45
CA PHE H 27 -12.00 -14.32 -14.81
C PHE H 27 -11.78 -15.53 -15.73
N ALA H 28 -11.48 -16.67 -15.11
CA ALA H 28 -11.24 -17.90 -15.86
C ALA H 28 -12.36 -18.20 -16.85
N ASP H 29 -13.60 -18.14 -16.39
CA ASP H 29 -14.74 -18.45 -17.25
C ASP H 29 -14.90 -17.58 -18.50
N GLY H 30 -14.04 -16.58 -18.67
CA GLY H 30 -14.14 -15.75 -19.86
C GLY H 30 -14.69 -14.34 -19.66
N LYS H 31 -15.36 -14.13 -18.52
CA LYS H 31 -15.93 -12.82 -18.20
C LYS H 31 -14.83 -11.82 -17.88
N ILE H 32 -15.05 -10.57 -18.26
CA ILE H 32 -14.10 -9.49 -18.00
C ILE H 32 -14.86 -8.29 -17.44
N GLN H 33 -14.33 -7.73 -16.36
CA GLN H 33 -14.93 -6.56 -15.76
C GLN H 33 -13.78 -5.61 -15.57
N THR H 34 -14.04 -4.32 -15.76
CA THR H 34 -12.99 -3.34 -15.57
C THR H 34 -13.35 -2.53 -14.34
N ALA H 35 -12.34 -2.04 -13.66
CA ALA H 35 -12.57 -1.27 -12.47
C ALA H 35 -11.58 -0.13 -12.35
N GLU H 36 -11.75 0.65 -11.30
CA GLU H 36 -10.87 1.76 -11.06
C GLU H 36 -10.76 2.05 -9.58
N PHE H 37 -9.53 2.25 -9.14
CA PHE H 37 -9.25 2.56 -7.76
C PHE H 37 -8.56 3.91 -7.71
N LYS H 38 -9.08 4.79 -6.86
CA LYS H 38 -8.48 6.11 -6.68
C LYS H 38 -7.95 6.23 -5.26
N GLY H 39 -6.80 6.89 -5.11
CA GLY H 39 -6.22 7.05 -3.81
C GLY H 39 -4.78 7.55 -3.84
N THR H 40 -4.11 7.40 -2.70
CA THR H 40 -2.73 7.84 -2.54
C THR H 40 -1.71 7.02 -3.32
N PHE H 41 -2.21 6.03 -4.06
CA PHE H 41 -1.39 5.11 -4.85
C PHE H 41 -1.10 3.91 -3.97
N GLU H 42 -0.46 4.17 -2.84
CA GLU H 42 -0.13 3.13 -1.89
C GLU H 42 -1.44 2.62 -1.30
N GLU H 43 -2.47 3.46 -1.38
CA GLU H 43 -3.80 3.13 -0.89
C GLU H 43 -4.58 2.44 -2.00
N ALA H 44 -4.60 3.06 -3.17
CA ALA H 44 -5.29 2.52 -4.32
C ALA H 44 -4.76 1.13 -4.62
N THR H 45 -3.46 0.97 -4.47
CA THR H 45 -2.84 -0.31 -4.71
C THR H 45 -3.40 -1.37 -3.75
N ALA H 46 -3.30 -1.12 -2.46
CA ALA H 46 -3.80 -2.07 -1.48
C ALA H 46 -5.28 -2.41 -1.72
N GLU H 47 -6.06 -1.43 -2.13
CA GLU H 47 -7.48 -1.66 -2.37
C GLU H 47 -7.68 -2.59 -3.55
N ALA H 48 -6.77 -2.54 -4.51
CA ALA H 48 -6.87 -3.41 -5.68
C ALA H 48 -6.58 -4.85 -5.27
N TYR H 49 -5.55 -5.04 -4.44
CA TYR H 49 -5.18 -6.35 -3.96
C TYR H 49 -6.34 -6.88 -3.13
N ARG H 50 -6.75 -6.11 -2.14
CA ARG H 50 -7.85 -6.47 -1.26
C ARG H 50 -9.05 -6.94 -2.07
N TYR H 51 -9.39 -6.15 -3.10
CA TYR H 51 -10.52 -6.48 -3.96
C TYR H 51 -10.25 -7.81 -4.68
N ALA H 52 -9.00 -8.00 -5.10
CA ALA H 52 -8.63 -9.24 -5.78
C ALA H 52 -8.90 -10.42 -4.85
N ASP H 53 -8.31 -10.38 -3.66
CA ASP H 53 -8.53 -11.45 -2.68
C ASP H 53 -10.02 -11.67 -2.47
N LEU H 54 -10.79 -10.60 -2.36
CA LEU H 54 -12.21 -10.75 -2.13
C LEU H 54 -12.83 -11.61 -3.22
N LEU H 55 -12.62 -11.24 -4.48
CA LEU H 55 -13.17 -11.99 -5.61
C LEU H 55 -12.60 -13.41 -5.73
N ALA H 56 -11.36 -13.59 -5.27
CA ALA H 56 -10.70 -14.89 -5.32
C ALA H 56 -11.43 -15.97 -4.54
N LYS H 57 -11.93 -15.61 -3.36
CA LYS H 57 -12.63 -16.59 -2.53
C LYS H 57 -13.50 -17.50 -3.39
N VAL H 58 -14.23 -16.88 -4.32
CA VAL H 58 -15.16 -17.58 -5.19
C VAL H 58 -14.74 -17.76 -6.65
N ASN H 59 -13.69 -17.08 -7.09
CA ASN H 59 -13.23 -17.17 -8.48
C ASN H 59 -11.84 -17.75 -8.67
N GLY H 60 -11.25 -18.26 -7.59
CA GLY H 60 -9.94 -18.86 -7.68
C GLY H 60 -8.79 -17.92 -7.39
N GLU H 61 -7.61 -18.50 -7.17
CA GLU H 61 -6.41 -17.71 -6.89
C GLU H 61 -6.23 -16.68 -7.98
N TRP H 62 -5.62 -15.55 -7.63
CA TRP H 62 -5.40 -14.53 -8.63
C TRP H 62 -3.94 -14.27 -8.88
N THR H 63 -3.67 -13.64 -10.02
CA THR H 63 -2.32 -13.27 -10.42
C THR H 63 -2.53 -11.99 -11.20
N ALA H 64 -1.47 -11.21 -11.40
CA ALA H 64 -1.65 -9.94 -12.09
C ALA H 64 -0.41 -9.39 -12.77
N ASP H 65 -0.62 -8.48 -13.71
CA ASP H 65 0.45 -7.83 -14.43
C ASP H 65 0.32 -6.36 -14.16
N LEU H 66 1.44 -5.69 -13.93
CA LEU H 66 1.44 -4.26 -13.69
C LEU H 66 2.15 -3.60 -14.85
N GLU H 67 1.59 -2.49 -15.32
CA GLU H 67 2.21 -1.77 -16.42
C GLU H 67 2.29 -0.30 -16.05
N ASP H 68 3.02 0.47 -16.85
CA ASP H 68 3.23 1.89 -16.59
C ASP H 68 4.11 1.98 -15.35
N GLY H 69 3.61 2.69 -14.33
CA GLY H 69 4.37 2.79 -13.10
C GLY H 69 3.61 1.93 -12.10
N GLY H 70 2.62 1.24 -12.64
CA GLY H 70 1.76 0.40 -11.84
C GLY H 70 0.38 1.03 -11.93
N ASN H 71 0.10 1.65 -13.06
CA ASN H 71 -1.19 2.30 -13.30
C ASN H 71 -2.23 1.38 -13.91
N CYS H 72 -1.80 0.47 -14.79
CA CYS H 72 -2.73 -0.48 -15.37
C CYS H 72 -2.45 -1.78 -14.64
N MET H 73 -3.47 -2.60 -14.48
CA MET H 73 -3.30 -3.84 -13.76
C MET H 73 -4.21 -4.90 -14.37
N ASN H 74 -3.62 -6.01 -14.76
CA ASN H 74 -4.39 -7.11 -15.34
C ASN H 74 -4.45 -8.23 -14.32
N ILE H 75 -5.57 -8.34 -13.63
CA ILE H 75 -5.73 -9.39 -12.65
C ILE H 75 -6.45 -10.56 -13.29
N LYS H 76 -5.81 -11.72 -13.29
CA LYS H 76 -6.38 -12.93 -13.89
C LYS H 76 -6.70 -13.92 -12.78
N PHE H 77 -7.88 -14.52 -12.83
CA PHE H 77 -8.26 -15.50 -11.81
C PHE H 77 -8.17 -16.91 -12.37
N ALA H 78 -7.71 -17.82 -11.51
CA ALA H 78 -7.51 -19.23 -11.85
C ALA H 78 -8.75 -19.99 -12.24
N GLY H 79 -9.70 -20.11 -11.31
CA GLY H 79 -10.90 -20.83 -11.64
C GLY H 79 -11.67 -21.35 -10.46
N LYS H 80 -10.99 -22.05 -9.56
CA LYS H 80 -11.64 -22.62 -8.39
C LYS H 80 -12.59 -23.76 -8.80
#